data_9BII
#
_entry.id   9BII
#
_cell.length_a   1.00
_cell.length_b   1.00
_cell.length_c   1.00
_cell.angle_alpha   90.00
_cell.angle_beta   90.00
_cell.angle_gamma   90.00
#
_symmetry.space_group_name_H-M   'P 1'
#
loop_
_entity.id
_entity.type
_entity.pdbx_description
1 polymer 'Uncharacterized MFS-type transporter EfpA'
2 non-polymer '[(2~{R})-3-[[(2~{R})-2,3-bis(oxidanyl)propoxy]-oxidanyl-phosphoryl]oxy-2-hexadecanoyloxy-propyl] octadecanoate'
3 non-polymer 'CHOLESTEROL HEMISUCCINATE'
#
_entity_poly.entity_id   1
_entity_poly.type   'polypeptide(L)'
_entity_poly.pdbx_seq_one_letter_code
;MGSSDYKDDDDKSSGLVPRGSMADLEDNWETLNDNLKVIEKADNAAQVKDALTKMRAAALDAQKATPPKLEDKSPDSPEM
KDFRHGFDILVGQIDDALKLANEGKVKEAQAAAEQLKTTRNAYIQKYLRSFIAAVIAIGGMQLLATMDSTVAIVALPKIQ
NELSLSDAGRSWVITAYVLTFGGLMLLGGRLGDTIGRKRTFIVGVALFTISSVLCAVAWDEATLVIARLSQGVGSAIASP
TGLALVATTFRKGPARNAATAVFAAMTAIGSVMGLVVGGALTEVSWRWAFLVNVPIGLVMIYLARTALRETNKERMKLDA
TGAILATLACTAAVFAFSIGPEKGWMSGITIGSGLVALAAAVAFVIVERTAENPVVPFHLFRDRNRLVTFSAILLAGGVM
FSLTVCIGLYVQDILGYSALRAGVGFIPFVIAMGIGLGVSSQLVSRFSPRVLTIGGGYLLFGAMLYGSFFMHRGVPYFPN
LVMPIVVGGIGIGMAVVPLTLSAIAGVGFDQIGPVSAIALMLQSLGGPLVLAVIQAVITSRTLYLGGTTGPVKFMNDVQL
AALDHAYTYGLLWVAGAAIIVGGMALFIGYTPQQVAHAQEVKEAIDAGELSSENLYFQGHHHHHHHHHH
;
_entity_poly.pdbx_strand_id   A,B
#
loop_
_chem_comp.id
_chem_comp.type
_chem_comp.name
_chem_comp.formula
A1H2V non-polymer '[(2~{R})-3-[[(2~{R})-2,3-bis(oxidanyl)propoxy]-oxidanyl-phosphoryl]oxy-2-hexadecanoyloxy-propyl] octadecanoate' 'C40 H79 O10 P'
Y01 non-polymer 'CHOLESTEROL HEMISUCCINATE' 'C31 H50 O4'
#
# COMPACT_ATOMS: atom_id res chain seq x y z
N ARG A 129 -31.93 21.33 -20.85
CA ARG A 129 -31.16 21.75 -22.01
C ARG A 129 -30.18 22.86 -21.62
N SER A 130 -30.63 23.74 -20.74
CA SER A 130 -29.76 24.83 -20.28
C SER A 130 -28.64 24.31 -19.41
N PHE A 131 -28.88 23.25 -18.62
CA PHE A 131 -27.85 22.73 -17.74
C PHE A 131 -26.78 21.99 -18.53
N ILE A 132 -27.17 21.14 -19.48
CA ILE A 132 -26.20 20.37 -20.23
C ILE A 132 -25.33 21.27 -21.09
N ALA A 133 -25.89 22.35 -21.63
CA ALA A 133 -25.11 23.27 -22.43
C ALA A 133 -24.10 24.03 -21.59
N ALA A 134 -24.43 24.32 -20.33
CA ALA A 134 -23.52 25.08 -19.48
C ALA A 134 -22.31 24.25 -19.07
N VAL A 135 -22.53 23.01 -18.65
CA VAL A 135 -21.42 22.17 -18.18
C VAL A 135 -20.47 21.85 -19.33
N ILE A 136 -21.02 21.59 -20.53
CA ILE A 136 -20.19 21.29 -21.68
C ILE A 136 -19.31 22.49 -22.02
N ALA A 137 -19.88 23.69 -22.00
CA ALA A 137 -19.13 24.87 -22.38
C ALA A 137 -17.96 25.13 -21.43
N ILE A 138 -18.18 24.93 -20.12
CA ILE A 138 -17.14 25.23 -19.14
C ILE A 138 -15.94 24.30 -19.32
N GLY A 139 -16.20 23.04 -19.64
CA GLY A 139 -15.15 22.06 -19.84
C GLY A 139 -14.57 22.03 -21.24
N GLY A 140 -14.92 22.99 -22.10
CA GLY A 140 -14.45 22.94 -23.48
C GLY A 140 -12.95 23.07 -23.59
N MET A 141 -12.34 23.93 -22.79
CA MET A 141 -10.90 24.13 -22.87
C MET A 141 -10.13 22.91 -22.39
N GLN A 142 -10.73 22.08 -21.53
CA GLN A 142 -10.07 20.84 -21.12
C GLN A 142 -10.04 19.84 -22.27
N LEU A 143 -11.12 19.76 -23.04
CA LEU A 143 -11.15 18.88 -24.20
C LEU A 143 -10.15 19.33 -25.25
N LEU A 144 -10.10 20.64 -25.53
CA LEU A 144 -9.24 21.14 -26.59
C LEU A 144 -7.77 21.00 -26.25
N ALA A 145 -7.38 21.43 -25.05
CA ALA A 145 -5.97 21.41 -24.68
C ALA A 145 -5.43 19.98 -24.61
N THR A 146 -6.19 19.07 -24.01
CA THR A 146 -5.74 17.68 -23.92
C THR A 146 -5.71 17.03 -25.31
N MET A 147 -6.71 17.31 -26.13
CA MET A 147 -6.73 16.76 -27.48
C MET A 147 -5.58 17.31 -28.32
N ASP A 148 -5.28 18.59 -28.20
CA ASP A 148 -4.23 19.19 -29.02
C ASP A 148 -2.86 18.61 -28.71
N SER A 149 -2.57 18.40 -27.42
CA SER A 149 -1.26 17.88 -27.05
C SER A 149 -1.07 16.47 -27.58
N THR A 150 -2.09 15.64 -27.49
CA THR A 150 -1.99 14.28 -28.00
C THR A 150 -1.81 14.26 -29.51
N VAL A 151 -2.55 15.12 -30.22
CA VAL A 151 -2.43 15.18 -31.67
C VAL A 151 -1.06 15.72 -32.08
N ALA A 152 -0.55 16.70 -31.34
CA ALA A 152 0.75 17.27 -31.68
C ALA A 152 1.87 16.24 -31.56
N ILE A 153 1.82 15.42 -30.51
CA ILE A 153 2.85 14.39 -30.32
C ILE A 153 2.82 13.38 -31.45
N VAL A 154 1.63 12.95 -31.86
CA VAL A 154 1.50 11.90 -32.86
C VAL A 154 2.06 12.34 -34.20
N ALA A 155 1.95 13.63 -34.53
CA ALA A 155 2.32 14.14 -35.84
C ALA A 155 3.74 14.67 -35.92
N LEU A 156 4.52 14.60 -34.84
CA LEU A 156 5.88 15.12 -34.89
C LEU A 156 6.76 14.43 -35.93
N PRO A 157 6.77 13.10 -36.05
CA PRO A 157 7.64 12.48 -37.07
C PRO A 157 7.36 12.96 -38.48
N LYS A 158 6.10 13.20 -38.84
CA LYS A 158 5.78 13.64 -40.19
C LYS A 158 6.11 15.10 -40.40
N ILE A 159 6.03 15.92 -39.35
CA ILE A 159 6.43 17.32 -39.48
C ILE A 159 7.92 17.41 -39.80
N GLN A 160 8.70 16.41 -39.38
CA GLN A 160 10.13 16.40 -39.70
C GLN A 160 10.36 16.14 -41.18
N ASN A 161 9.63 15.19 -41.76
CA ASN A 161 9.89 14.81 -43.14
C ASN A 161 9.46 15.87 -44.13
N GLU A 162 8.57 16.80 -43.74
CA GLU A 162 8.10 17.85 -44.63
C GLU A 162 8.83 19.17 -44.40
N LEU A 163 8.78 19.69 -43.17
CA LEU A 163 9.43 20.97 -42.86
C LEU A 163 10.95 20.84 -42.74
N SER A 164 11.45 19.65 -42.43
CA SER A 164 12.89 19.41 -42.29
C SER A 164 13.50 20.35 -41.25
N LEU A 165 12.96 20.28 -40.04
CA LEU A 165 13.33 21.19 -38.97
C LEU A 165 14.45 20.66 -38.09
N SER A 166 14.97 19.45 -38.36
CA SER A 166 16.09 18.88 -37.60
C SER A 166 15.62 18.44 -36.22
N ASP A 167 16.46 17.67 -35.52
CA ASP A 167 16.06 17.18 -34.19
C ASP A 167 15.92 18.30 -33.18
N ALA A 168 16.71 19.37 -33.31
CA ALA A 168 16.61 20.48 -32.37
C ALA A 168 15.23 21.11 -32.41
N GLY A 169 14.71 21.35 -33.62
CA GLY A 169 13.38 21.91 -33.77
C GLY A 169 12.27 20.94 -33.45
N ARG A 170 12.57 19.64 -33.39
CA ARG A 170 11.54 18.66 -33.08
C ARG A 170 10.95 18.90 -31.69
N SER A 171 11.81 19.22 -30.72
CA SER A 171 11.35 19.47 -29.36
C SER A 171 10.90 20.91 -29.14
N TRP A 172 11.26 21.84 -30.01
CA TRP A 172 10.87 23.23 -29.80
C TRP A 172 9.38 23.46 -30.05
N VAL A 173 8.77 22.67 -30.94
CA VAL A 173 7.34 22.82 -31.17
C VAL A 173 6.55 22.42 -29.94
N ILE A 174 7.05 21.44 -29.18
CA ILE A 174 6.39 21.04 -27.94
C ILE A 174 6.67 22.04 -26.83
N THR A 175 7.94 22.45 -26.67
CA THR A 175 8.27 23.34 -25.58
C THR A 175 7.67 24.72 -25.79
N ALA A 176 7.45 25.12 -27.04
CA ALA A 176 6.88 26.44 -27.31
C ALA A 176 5.49 26.57 -26.69
N TYR A 177 4.67 25.53 -26.81
CA TYR A 177 3.36 25.55 -26.19
C TYR A 177 3.46 25.60 -24.67
N VAL A 178 4.41 24.86 -24.09
CA VAL A 178 4.53 24.80 -22.64
C VAL A 178 5.21 26.05 -22.09
N LEU A 179 6.07 26.70 -22.87
CA LEU A 179 6.80 27.86 -22.39
C LEU A 179 5.84 28.99 -22.01
N THR A 180 4.83 29.24 -22.84
CA THR A 180 3.85 30.28 -22.58
C THR A 180 2.66 29.77 -21.77
N PHE A 181 2.32 28.49 -21.92
CA PHE A 181 1.22 27.94 -21.15
C PHE A 181 1.50 27.97 -19.66
N GLY A 182 2.72 27.63 -19.26
CA GLY A 182 3.09 27.66 -17.86
C GLY A 182 3.54 29.02 -17.39
N GLY A 183 4.14 29.80 -18.28
CA GLY A 183 4.61 31.12 -17.90
C GLY A 183 3.48 32.09 -17.57
N LEU A 184 2.40 32.06 -18.36
CA LEU A 184 1.28 32.98 -18.19
C LEU A 184 0.09 32.37 -17.47
N MET A 185 0.23 31.15 -16.94
CA MET A 185 -0.92 30.50 -16.31
C MET A 185 -1.39 31.25 -15.07
N LEU A 186 -0.45 31.67 -14.22
CA LEU A 186 -0.84 32.34 -12.99
C LEU A 186 -1.38 33.74 -13.25
N LEU A 187 -0.98 34.37 -14.36
CA LEU A 187 -1.54 35.66 -14.71
C LEU A 187 -3.03 35.54 -15.01
N GLY A 188 -3.44 34.48 -15.70
CA GLY A 188 -4.83 34.31 -16.09
C GLY A 188 -5.77 34.04 -14.93
N GLY A 189 -5.23 33.60 -13.78
CA GLY A 189 -6.08 33.37 -12.64
C GLY A 189 -6.74 34.64 -12.14
N ARG A 190 -5.99 35.74 -12.09
CA ARG A 190 -6.51 37.03 -11.65
C ARG A 190 -7.05 37.88 -12.80
N LEU A 191 -7.00 37.38 -14.03
CA LEU A 191 -7.48 38.17 -15.17
C LEU A 191 -9.00 38.21 -15.24
N GLY A 192 -9.67 37.16 -14.75
CA GLY A 192 -11.12 37.15 -14.75
C GLY A 192 -11.74 38.09 -13.74
N ASP A 193 -10.99 38.48 -12.70
CA ASP A 193 -11.52 39.40 -11.70
C ASP A 193 -11.59 40.82 -12.22
N THR A 194 -10.59 41.24 -13.00
CA THR A 194 -10.52 42.61 -13.50
C THR A 194 -11.17 42.80 -14.86
N ILE A 195 -11.47 41.71 -15.58
CA ILE A 195 -12.10 41.78 -16.89
C ILE A 195 -13.44 41.06 -16.91
N GLY A 196 -13.54 39.91 -16.26
CA GLY A 196 -14.75 39.12 -16.27
C GLY A 196 -14.46 37.69 -16.66
N ARG A 197 -15.10 36.73 -15.98
CA ARG A 197 -14.80 35.33 -16.25
C ARG A 197 -15.45 34.83 -17.53
N LYS A 198 -16.61 35.37 -17.91
CA LYS A 198 -17.21 34.95 -19.17
C LYS A 198 -16.42 35.53 -20.34
N ARG A 199 -16.08 36.82 -20.27
CA ARG A 199 -15.32 37.42 -21.36
C ARG A 199 -13.91 36.85 -21.43
N THR A 200 -13.34 36.49 -20.28
CA THR A 200 -12.00 35.90 -20.30
C THR A 200 -12.02 34.49 -20.89
N PHE A 201 -13.12 33.76 -20.69
CA PHE A 201 -13.20 32.40 -21.20
C PHE A 201 -13.41 32.38 -22.71
N ILE A 202 -14.20 33.32 -23.24
CA ILE A 202 -14.40 33.39 -24.69
C ILE A 202 -13.12 33.85 -25.39
N VAL A 203 -12.43 34.84 -24.81
CA VAL A 203 -11.23 35.36 -25.43
C VAL A 203 -10.16 34.28 -25.52
N GLY A 204 -9.98 33.51 -24.44
CA GLY A 204 -8.97 32.48 -24.45
C GLY A 204 -9.25 31.38 -25.46
N VAL A 205 -10.50 30.92 -25.52
CA VAL A 205 -10.84 29.86 -26.46
C VAL A 205 -10.77 30.36 -27.89
N ALA A 206 -11.17 31.61 -28.12
CA ALA A 206 -11.12 32.17 -29.47
C ALA A 206 -9.68 32.25 -29.97
N LEU A 207 -8.77 32.75 -29.14
CA LEU A 207 -7.37 32.83 -29.55
C LEU A 207 -6.78 31.44 -29.77
N PHE A 208 -7.21 30.46 -28.99
CA PHE A 208 -6.76 29.09 -29.22
C PHE A 208 -7.24 28.57 -30.56
N THR A 209 -8.49 28.85 -30.92
CA THR A 209 -9.04 28.35 -32.18
C THR A 209 -8.37 28.99 -33.38
N ILE A 210 -8.12 30.30 -33.31
CA ILE A 210 -7.46 30.99 -34.43
C ILE A 210 -6.06 30.44 -34.63
N SER A 211 -5.31 30.26 -33.54
CA SER A 211 -3.92 29.83 -33.65
C SER A 211 -3.81 28.43 -34.24
N SER A 212 -4.82 27.59 -34.05
CA SER A 212 -4.79 26.26 -34.66
C SER A 212 -4.84 26.36 -36.17
N VAL A 213 -5.59 27.32 -36.71
CA VAL A 213 -5.62 27.54 -38.14
C VAL A 213 -4.25 28.02 -38.62
N LEU A 214 -3.64 28.96 -37.90
CA LEU A 214 -2.31 29.45 -38.29
C LEU A 214 -1.27 28.36 -38.18
N CYS A 215 -1.42 27.44 -37.22
CA CYS A 215 -0.51 26.32 -37.12
C CYS A 215 -0.67 25.33 -38.26
N ALA A 216 -1.84 25.30 -38.90
CA ALA A 216 -2.12 24.37 -39.99
C ALA A 216 -1.62 24.86 -41.35
N VAL A 217 -1.09 26.08 -41.44
CA VAL A 217 -0.61 26.62 -42.71
C VAL A 217 0.82 27.14 -42.55
N ALA A 218 1.57 26.56 -41.60
CA ALA A 218 2.93 27.01 -41.36
C ALA A 218 3.84 26.54 -42.49
N TRP A 219 4.54 27.48 -43.11
CA TRP A 219 5.40 27.15 -44.25
C TRP A 219 6.82 26.81 -43.84
N ASP A 220 7.31 27.36 -42.73
CA ASP A 220 8.65 27.10 -42.25
C ASP A 220 8.57 26.91 -40.73
N GLU A 221 9.74 26.82 -40.09
CA GLU A 221 9.78 26.54 -38.65
C GLU A 221 9.46 27.79 -37.82
N ALA A 222 9.77 28.98 -38.32
CA ALA A 222 9.40 30.19 -37.60
C ALA A 222 7.88 30.30 -37.45
N THR A 223 7.15 30.05 -38.54
CA THR A 223 5.70 30.17 -38.50
C THR A 223 5.11 29.18 -37.51
N LEU A 224 5.68 27.99 -37.40
CA LEU A 224 5.14 26.99 -36.49
C LEU A 224 5.42 27.33 -35.04
N VAL A 225 6.57 27.92 -34.74
CA VAL A 225 6.92 28.23 -33.36
C VAL A 225 6.02 29.35 -32.83
N ILE A 226 5.89 30.44 -33.58
CA ILE A 226 5.01 31.52 -33.14
C ILE A 226 3.57 31.05 -33.07
N ALA A 227 3.18 30.10 -33.93
CA ALA A 227 1.84 29.54 -33.85
C ALA A 227 1.65 28.75 -32.55
N ARG A 228 2.66 27.99 -32.14
CA ARG A 228 2.55 27.22 -30.90
C ARG A 228 2.71 28.11 -29.67
N LEU A 229 3.45 29.21 -29.77
CA LEU A 229 3.50 30.17 -28.68
C LEU A 229 2.13 30.79 -28.45
N SER A 230 1.41 31.11 -29.52
CA SER A 230 0.10 31.73 -29.39
C SER A 230 -0.91 30.79 -28.74
N GLN A 231 -0.82 29.51 -29.04
CA GLN A 231 -1.77 28.54 -28.49
C GLN A 231 -1.63 28.44 -26.97
N GLY A 232 -0.39 28.48 -26.47
CA GLY A 232 -0.19 28.43 -25.04
C GLY A 232 -0.78 29.63 -24.33
N VAL A 233 -0.69 30.81 -24.96
CA VAL A 233 -1.31 32.01 -24.37
C VAL A 233 -2.82 31.84 -24.28
N GLY A 234 -3.44 31.30 -25.33
CA GLY A 234 -4.87 31.08 -25.28
C GLY A 234 -5.27 30.06 -24.24
N SER A 235 -4.50 28.98 -24.12
CA SER A 235 -4.80 27.97 -23.10
C SER A 235 -4.56 28.52 -21.71
N ALA A 236 -3.53 29.36 -21.54
CA ALA A 236 -3.24 29.92 -20.23
C ALA A 236 -4.37 30.82 -19.75
N ILE A 237 -5.00 31.56 -20.67
CA ILE A 237 -6.07 32.47 -20.27
C ILE A 237 -7.33 31.70 -19.92
N ALA A 238 -7.62 30.61 -20.66
CA ALA A 238 -8.90 29.92 -20.53
C ALA A 238 -8.87 28.76 -19.54
N SER A 239 -7.73 28.08 -19.39
CA SER A 239 -7.69 26.89 -18.53
C SER A 239 -7.99 27.22 -17.08
N PRO A 240 -7.33 28.20 -16.43
CA PRO A 240 -7.71 28.51 -15.05
C PRO A 240 -9.13 29.01 -14.91
N THR A 241 -9.60 29.78 -15.90
CA THR A 241 -10.94 30.36 -15.81
C THR A 241 -12.02 29.29 -15.87
N GLY A 242 -11.78 28.20 -16.60
CA GLY A 242 -12.78 27.14 -16.69
C GLY A 242 -13.05 26.49 -15.36
N LEU A 243 -12.00 26.23 -14.57
CA LEU A 243 -12.19 25.64 -13.25
C LEU A 243 -12.81 26.64 -12.28
N ALA A 244 -12.48 27.92 -12.42
CA ALA A 244 -13.10 28.94 -11.58
C ALA A 244 -14.56 29.14 -11.93
N LEU A 245 -14.95 28.85 -13.18
CA LEU A 245 -16.36 28.92 -13.56
C LEU A 245 -17.17 27.83 -12.88
N VAL A 246 -16.56 26.69 -12.57
CA VAL A 246 -17.28 25.61 -11.91
C VAL A 246 -17.76 26.06 -10.53
N ALA A 247 -16.89 26.74 -9.78
CA ALA A 247 -17.25 27.14 -8.42
C ALA A 247 -18.24 28.29 -8.41
N THR A 248 -18.08 29.25 -9.31
CA THR A 248 -18.93 30.45 -9.29
C THR A 248 -20.26 30.24 -9.99
N THR A 249 -20.29 29.44 -11.06
CA THR A 249 -21.51 29.29 -11.84
C THR A 249 -22.53 28.44 -11.11
N PHE A 250 -22.09 27.36 -10.46
CA PHE A 250 -22.96 26.40 -9.82
C PHE A 250 -22.81 26.47 -8.31
N ARG A 251 -23.94 26.61 -7.61
CA ARG A 251 -23.95 26.64 -6.15
C ARG A 251 -23.48 25.30 -5.59
N LYS A 252 -22.89 25.36 -4.41
CA LYS A 252 -22.44 24.16 -3.72
C LYS A 252 -23.62 23.25 -3.43
N GLY A 253 -23.49 21.97 -3.79
CA GLY A 253 -24.58 21.04 -3.71
C GLY A 253 -24.54 20.05 -4.86
N PRO A 254 -25.66 19.40 -5.17
CA PRO A 254 -25.65 18.42 -6.27
C PRO A 254 -25.29 19.01 -7.62
N ALA A 255 -25.60 20.29 -7.86
CA ALA A 255 -25.28 20.88 -9.15
C ALA A 255 -23.77 20.99 -9.34
N ARG A 256 -23.04 21.40 -8.30
CA ARG A 256 -21.59 21.48 -8.43
C ARG A 256 -20.94 20.10 -8.49
N ASN A 257 -21.55 19.10 -7.84
CA ASN A 257 -21.02 17.74 -7.92
C ASN A 257 -21.11 17.18 -9.33
N ALA A 258 -22.23 17.44 -10.01
CA ALA A 258 -22.39 16.95 -11.37
C ALA A 258 -21.49 17.70 -12.34
N ALA A 259 -21.34 19.01 -12.14
CA ALA A 259 -20.50 19.81 -13.03
C ALA A 259 -19.04 19.38 -12.93
N THR A 260 -18.58 19.05 -11.72
CA THR A 260 -17.20 18.62 -11.55
C THR A 260 -16.94 17.31 -12.28
N ALA A 261 -17.90 16.38 -12.26
CA ALA A 261 -17.73 15.12 -12.96
C ALA A 261 -17.61 15.33 -14.46
N VAL A 262 -18.43 16.22 -15.02
CA VAL A 262 -18.36 16.50 -16.45
C VAL A 262 -17.05 17.21 -16.79
N PHE A 263 -16.59 18.09 -15.91
CA PHE A 263 -15.32 18.79 -16.14
C PHE A 263 -14.17 17.79 -16.22
N ALA A 264 -14.15 16.81 -15.32
CA ALA A 264 -13.10 15.79 -15.35
C ALA A 264 -13.34 14.75 -16.43
N ALA A 265 -14.60 14.52 -16.80
CA ALA A 265 -14.91 13.47 -17.75
C ALA A 265 -14.30 13.76 -19.13
N MET A 266 -14.45 15.00 -19.60
CA MET A 266 -14.04 15.34 -20.95
C MET A 266 -12.59 15.80 -21.04
N THR A 267 -11.86 15.80 -19.93
CA THR A 267 -10.40 15.83 -20.02
C THR A 267 -9.87 14.49 -20.52
N ALA A 268 -10.51 13.39 -20.12
CA ALA A 268 -10.14 12.06 -20.59
C ALA A 268 -10.65 11.80 -22.00
N ILE A 269 -11.79 12.38 -22.37
CA ILE A 269 -12.32 12.17 -23.71
C ILE A 269 -11.37 12.72 -24.76
N GLY A 270 -10.81 13.90 -24.51
CA GLY A 270 -9.89 14.50 -25.46
C GLY A 270 -8.65 13.64 -25.68
N SER A 271 -8.16 13.01 -24.62
CA SER A 271 -6.94 12.22 -24.74
C SER A 271 -7.15 11.00 -25.63
N VAL A 272 -8.20 10.23 -25.38
CA VAL A 272 -8.47 9.04 -26.19
C VAL A 272 -8.90 9.45 -27.60
N MET A 273 -9.70 10.50 -27.71
CA MET A 273 -10.12 10.98 -29.02
C MET A 273 -8.98 11.65 -29.78
N GLY A 274 -7.97 12.15 -29.07
CA GLY A 274 -6.78 12.65 -29.75
C GLY A 274 -6.00 11.55 -30.43
N LEU A 275 -5.92 10.38 -29.79
CA LEU A 275 -5.28 9.23 -30.43
C LEU A 275 -6.03 8.82 -31.70
N VAL A 276 -7.36 8.74 -31.61
CA VAL A 276 -8.15 8.28 -32.75
C VAL A 276 -8.03 9.25 -33.91
N VAL A 277 -8.19 10.55 -33.64
CA VAL A 277 -8.12 11.55 -34.70
C VAL A 277 -6.69 11.66 -35.21
N GLY A 278 -5.71 11.74 -34.32
CA GLY A 278 -4.34 11.89 -34.74
C GLY A 278 -3.82 10.68 -35.49
N GLY A 279 -4.22 9.48 -35.07
CA GLY A 279 -3.78 8.27 -35.73
C GLY A 279 -4.56 7.91 -36.98
N ALA A 280 -5.72 8.53 -37.20
CA ALA A 280 -6.53 8.27 -38.37
C ALA A 280 -6.20 9.23 -39.51
N LEU A 281 -6.30 10.53 -39.27
CA LEU A 281 -6.05 11.54 -40.30
C LEU A 281 -4.60 12.00 -40.27
N THR A 282 -3.68 11.04 -40.24
CA THR A 282 -2.26 11.30 -40.40
C THR A 282 -1.64 10.26 -41.32
N GLU A 283 -2.46 9.73 -42.23
CA GLU A 283 -1.99 9.05 -43.43
C GLU A 283 -2.35 9.84 -44.67
N VAL A 284 -2.83 11.08 -44.51
CA VAL A 284 -3.15 11.97 -45.60
C VAL A 284 -2.21 13.17 -45.49
N SER A 285 -2.29 13.87 -44.36
CA SER A 285 -1.42 15.00 -44.09
C SER A 285 -1.59 15.43 -42.65
N TRP A 286 -0.49 15.82 -42.01
CA TRP A 286 -0.54 16.23 -40.61
C TRP A 286 -1.23 17.57 -40.42
N ARG A 287 -1.34 18.38 -41.48
CA ARG A 287 -1.99 19.68 -41.36
C ARG A 287 -3.46 19.53 -41.00
N TRP A 288 -4.13 18.51 -41.56
CA TRP A 288 -5.56 18.33 -41.32
C TRP A 288 -5.85 18.03 -39.85
N ALA A 289 -4.89 17.47 -39.13
CA ALA A 289 -5.12 17.14 -37.72
C ALA A 289 -5.28 18.40 -36.88
N PHE A 290 -4.63 19.49 -37.26
CA PHE A 290 -4.76 20.75 -36.52
C PHE A 290 -6.04 21.50 -36.87
N LEU A 291 -6.69 21.18 -37.99
CA LEU A 291 -7.95 21.81 -38.34
C LEU A 291 -9.14 21.16 -37.66
N VAL A 292 -8.96 20.01 -37.02
CA VAL A 292 -10.08 19.37 -36.33
C VAL A 292 -10.52 20.15 -35.12
N ASN A 293 -9.63 20.98 -34.55
CA ASN A 293 -10.00 21.79 -33.40
C ASN A 293 -10.97 22.90 -33.77
N VAL A 294 -10.96 23.37 -35.02
CA VAL A 294 -11.72 24.54 -35.44
C VAL A 294 -13.23 24.27 -35.30
N PRO A 295 -13.76 23.15 -35.80
CA PRO A 295 -15.18 22.86 -35.51
C PRO A 295 -15.51 22.78 -34.04
N ILE A 296 -14.63 22.17 -33.24
CA ILE A 296 -14.91 22.01 -31.81
C ILE A 296 -14.83 23.35 -31.10
N GLY A 297 -13.79 24.15 -31.41
CA GLY A 297 -13.66 25.45 -30.77
C GLY A 297 -14.82 26.37 -31.07
N LEU A 298 -15.37 26.29 -32.29
CA LEU A 298 -16.52 27.12 -32.63
C LEU A 298 -17.74 26.72 -31.83
N VAL A 299 -17.95 25.43 -31.60
CA VAL A 299 -19.14 24.97 -30.88
C VAL A 299 -19.09 25.41 -29.43
N MET A 300 -17.91 25.35 -28.81
CA MET A 300 -17.80 25.74 -27.41
C MET A 300 -18.04 27.23 -27.22
N ILE A 301 -17.59 28.06 -28.17
CA ILE A 301 -17.81 29.49 -28.06
C ILE A 301 -19.29 29.82 -28.17
N TYR A 302 -20.02 29.11 -29.04
CA TYR A 302 -21.45 29.36 -29.15
C TYR A 302 -22.18 28.93 -27.88
N LEU A 303 -21.86 27.75 -27.35
CA LEU A 303 -22.53 27.27 -26.14
C LEU A 303 -22.23 28.20 -24.98
N ALA A 304 -20.99 28.66 -24.86
CA ALA A 304 -20.63 29.55 -23.76
C ALA A 304 -21.31 30.90 -23.89
N ARG A 305 -21.62 31.34 -25.12
CA ARG A 305 -22.28 32.62 -25.31
C ARG A 305 -23.76 32.56 -24.96
N THR A 306 -24.42 31.43 -25.20
CA THR A 306 -25.86 31.29 -25.02
C THR A 306 -26.25 30.56 -23.74
N ALA A 307 -25.29 30.20 -22.89
CA ALA A 307 -25.57 29.43 -21.68
C ALA A 307 -24.98 30.01 -20.41
N LEU A 308 -24.01 30.91 -20.50
CA LEU A 308 -23.38 31.52 -19.33
C LEU A 308 -23.80 32.97 -19.22
N ARG A 309 -23.94 33.43 -17.98
CA ARG A 309 -24.33 34.79 -17.67
C ARG A 309 -23.14 35.54 -17.09
N GLU A 310 -23.09 36.84 -17.37
CA GLU A 310 -22.00 37.68 -16.90
C GLU A 310 -22.36 38.28 -15.54
N THR A 311 -21.56 37.96 -14.53
CA THR A 311 -21.82 38.47 -13.19
C THR A 311 -21.65 39.99 -13.15
N ASN A 312 -22.53 40.65 -12.38
CA ASN A 312 -22.51 42.10 -12.23
C ASN A 312 -21.82 42.43 -10.91
N LYS A 313 -20.49 42.50 -10.96
CA LYS A 313 -19.67 42.90 -9.83
C LYS A 313 -18.61 43.88 -10.32
N GLU A 314 -18.21 44.79 -9.43
CA GLU A 314 -17.20 45.77 -9.78
C GLU A 314 -15.84 45.09 -10.00
N ARG A 315 -15.11 45.56 -11.00
CA ARG A 315 -13.82 44.98 -11.33
C ARG A 315 -12.77 45.37 -10.28
N MET A 316 -11.75 44.52 -10.15
CA MET A 316 -10.69 44.71 -9.19
C MET A 316 -9.42 45.15 -9.91
N LYS A 317 -8.64 46.00 -9.26
CA LYS A 317 -7.41 46.50 -9.87
C LYS A 317 -6.35 45.40 -9.91
N LEU A 318 -5.80 45.16 -11.10
CA LEU A 318 -4.80 44.12 -11.27
C LEU A 318 -3.50 44.46 -10.54
N ASP A 319 -2.82 43.42 -10.07
CA ASP A 319 -1.56 43.56 -9.35
C ASP A 319 -0.43 43.62 -10.37
N ALA A 320 0.01 44.83 -10.71
CA ALA A 320 0.95 45.01 -11.81
C ALA A 320 2.31 44.40 -11.50
N THR A 321 2.96 44.87 -10.43
CA THR A 321 4.30 44.40 -10.11
C THR A 321 4.29 42.92 -9.77
N GLY A 322 3.27 42.45 -9.05
CA GLY A 322 3.20 41.04 -8.70
C GLY A 322 2.97 40.15 -9.91
N ALA A 323 2.21 40.63 -10.89
CA ALA A 323 1.91 39.80 -12.06
C ALA A 323 3.11 39.68 -12.99
N ILE A 324 3.85 40.78 -13.20
CA ILE A 324 5.00 40.74 -14.09
C ILE A 324 6.09 39.84 -13.52
N LEU A 325 6.34 39.95 -12.21
CA LEU A 325 7.40 39.15 -11.61
C LEU A 325 7.02 37.67 -11.57
N ALA A 326 5.73 37.38 -11.35
CA ALA A 326 5.29 35.99 -11.38
C ALA A 326 5.45 35.40 -12.79
N THR A 327 5.12 36.19 -13.82
CA THR A 327 5.28 35.72 -15.19
C THR A 327 6.75 35.48 -15.52
N LEU A 328 7.62 36.42 -15.13
CA LEU A 328 9.04 36.29 -15.46
C LEU A 328 9.68 35.09 -14.74
N ALA A 329 9.23 34.80 -13.52
CA ALA A 329 9.82 33.71 -12.77
C ALA A 329 9.39 32.35 -13.32
N CYS A 330 8.13 32.22 -13.73
CA CYS A 330 7.63 30.94 -14.20
C CYS A 330 8.16 30.62 -15.59
N THR A 331 8.21 31.61 -16.48
CA THR A 331 8.73 31.36 -17.83
C THR A 331 10.20 31.01 -17.81
N ALA A 332 10.99 31.71 -17.00
CA ALA A 332 12.42 31.44 -16.94
C ALA A 332 12.71 30.05 -16.39
N ALA A 333 11.95 29.62 -15.39
CA ALA A 333 12.14 28.29 -14.84
C ALA A 333 11.84 27.22 -15.87
N VAL A 334 10.78 27.40 -16.65
CA VAL A 334 10.45 26.44 -17.70
C VAL A 334 11.53 26.44 -18.77
N PHE A 335 12.04 27.63 -19.14
CA PHE A 335 13.05 27.72 -20.19
C PHE A 335 14.32 26.98 -19.79
N ALA A 336 14.80 27.22 -18.56
CA ALA A 336 16.03 26.57 -18.11
C ALA A 336 15.87 25.07 -18.02
N PHE A 337 14.72 24.61 -17.51
CA PHE A 337 14.48 23.18 -17.39
C PHE A 337 14.42 22.51 -18.76
N SER A 338 13.78 23.17 -19.73
CA SER A 338 13.66 22.58 -21.07
C SER A 338 14.98 22.62 -21.82
N ILE A 339 15.69 23.75 -21.78
CA ILE A 339 16.92 23.89 -22.56
C ILE A 339 18.10 23.17 -21.93
N GLY A 340 18.00 22.75 -20.68
CA GLY A 340 19.11 22.16 -19.97
C GLY A 340 19.68 20.93 -20.64
N PRO A 341 18.84 19.91 -20.89
CA PRO A 341 19.34 18.70 -21.54
C PRO A 341 19.95 18.95 -22.91
N GLU A 342 19.46 19.95 -23.64
CA GLU A 342 20.02 20.24 -24.96
C GLU A 342 21.44 20.79 -24.84
N LYS A 343 21.63 21.79 -23.98
CA LYS A 343 22.92 22.45 -23.81
C LYS A 343 23.73 21.91 -22.63
N GLY A 344 23.15 21.03 -21.82
CA GLY A 344 23.82 20.51 -20.64
C GLY A 344 23.40 21.27 -19.38
N TRP A 345 23.32 20.53 -18.27
CA TRP A 345 22.79 21.10 -17.04
C TRP A 345 23.69 22.21 -16.47
N MET A 346 24.96 22.25 -16.87
CA MET A 346 25.88 23.30 -16.45
C MET A 346 26.45 24.04 -17.65
N SER A 347 25.63 24.24 -18.68
CA SER A 347 26.11 24.87 -19.91
C SER A 347 26.56 26.30 -19.67
N GLY A 348 25.80 27.05 -18.89
CA GLY A 348 26.06 28.47 -18.68
C GLY A 348 24.80 29.28 -18.92
N ILE A 349 24.01 28.86 -19.92
CA ILE A 349 22.69 29.43 -20.13
C ILE A 349 21.62 28.67 -19.36
N THR A 350 21.88 27.41 -18.98
CA THR A 350 20.91 26.67 -18.20
C THR A 350 20.83 27.21 -16.78
N ILE A 351 21.94 27.14 -16.04
CA ILE A 351 21.98 27.76 -14.72
C ILE A 351 21.99 29.27 -14.82
N GLY A 352 22.37 29.82 -15.98
CA GLY A 352 22.26 31.27 -16.16
C GLY A 352 20.82 31.74 -16.11
N SER A 353 19.91 31.00 -16.77
CA SER A 353 18.50 31.35 -16.70
C SER A 353 17.92 30.99 -15.34
N GLY A 354 18.39 29.90 -14.72
CA GLY A 354 17.94 29.56 -13.39
C GLY A 354 18.27 30.64 -12.37
N LEU A 355 19.33 31.40 -12.62
CA LEU A 355 19.63 32.55 -11.76
C LEU A 355 18.51 33.58 -11.84
N VAL A 356 18.01 33.87 -13.04
CA VAL A 356 16.95 34.85 -13.19
C VAL A 356 15.66 34.33 -12.55
N ALA A 357 15.40 33.03 -12.66
CA ALA A 357 14.21 32.47 -12.05
C ALA A 357 14.23 32.63 -10.54
N LEU A 358 15.41 32.44 -9.92
CA LEU A 358 15.53 32.62 -8.48
C LEU A 358 15.37 34.08 -8.10
N ALA A 359 15.99 34.98 -8.86
CA ALA A 359 15.89 36.41 -8.54
C ALA A 359 14.45 36.90 -8.68
N ALA A 360 13.76 36.48 -9.74
CA ALA A 360 12.38 36.91 -9.94
C ALA A 360 11.46 36.31 -8.89
N ALA A 361 11.71 35.07 -8.49
CA ALA A 361 10.87 34.44 -7.46
C ALA A 361 11.01 35.16 -6.12
N VAL A 362 12.23 35.54 -5.76
CA VAL A 362 12.45 36.23 -4.49
C VAL A 362 11.73 37.57 -4.48
N ALA A 363 11.87 38.34 -5.56
CA ALA A 363 11.24 39.65 -5.63
C ALA A 363 9.71 39.51 -5.62
N PHE A 364 9.19 38.46 -6.25
CA PHE A 364 7.75 38.26 -6.27
C PHE A 364 7.20 38.07 -4.87
N VAL A 365 7.89 37.29 -4.03
CA VAL A 365 7.41 37.01 -2.69
C VAL A 365 7.46 38.27 -1.83
N ILE A 366 8.52 39.06 -1.97
CA ILE A 366 8.68 40.24 -1.12
C ILE A 366 7.60 41.27 -1.43
N VAL A 367 7.36 41.54 -2.71
CA VAL A 367 6.36 42.54 -3.09
C VAL A 367 4.94 42.05 -2.83
N GLU A 368 4.74 40.73 -2.70
CA GLU A 368 3.40 40.20 -2.43
C GLU A 368 2.93 40.49 -1.02
N ARG A 369 3.82 40.89 -0.12
CA ARG A 369 3.41 41.20 1.25
C ARG A 369 2.53 42.44 1.30
N THR A 370 2.87 43.47 0.53
CA THR A 370 2.13 44.73 0.49
C THR A 370 1.37 44.89 -0.81
N ALA A 371 0.85 43.78 -1.34
CA ALA A 371 0.13 43.76 -2.61
C ALA A 371 -1.36 43.72 -2.36
N GLU A 372 -2.10 44.57 -3.07
CA GLU A 372 -3.56 44.62 -2.99
C GLU A 372 -4.13 43.73 -4.09
N ASN A 373 -5.07 42.86 -3.72
CA ASN A 373 -5.56 41.83 -4.62
C ASN A 373 -4.39 40.98 -5.08
N PRO A 374 -3.76 40.21 -4.18
CA PRO A 374 -2.52 39.53 -4.53
C PRO A 374 -2.71 38.48 -5.62
N VAL A 375 -1.65 38.27 -6.40
CA VAL A 375 -1.69 37.21 -7.41
C VAL A 375 -1.67 35.85 -6.74
N VAL A 376 -0.87 35.69 -5.69
CA VAL A 376 -0.82 34.46 -4.90
C VAL A 376 -1.05 34.82 -3.44
N PRO A 377 -2.25 34.61 -2.87
CA PRO A 377 -2.44 34.90 -1.44
C PRO A 377 -1.80 33.85 -0.54
N PHE A 378 -0.51 34.03 -0.23
CA PHE A 378 0.21 33.07 0.60
C PHE A 378 -0.48 32.81 1.93
N HIS A 379 -1.07 33.86 2.53
CA HIS A 379 -1.73 33.71 3.82
C HIS A 379 -2.86 32.70 3.78
N LEU A 380 -3.45 32.47 2.61
CA LEU A 380 -4.53 31.50 2.48
C LEU A 380 -4.05 30.06 2.61
N PHE A 381 -2.74 29.81 2.59
CA PHE A 381 -2.16 28.49 2.75
C PHE A 381 -1.44 28.46 4.10
N ARG A 382 -2.16 28.03 5.14
CA ARG A 382 -1.63 27.86 6.47
C ARG A 382 -1.50 26.37 6.77
N ASP A 383 -1.21 26.04 8.03
CA ASP A 383 -0.97 24.67 8.46
C ASP A 383 -2.21 23.78 8.38
N ARG A 384 -3.35 24.35 7.98
CA ARG A 384 -4.58 23.57 7.86
C ARG A 384 -4.45 22.61 6.67
N ASN A 385 -5.54 21.92 6.36
CA ASN A 385 -5.55 20.89 5.35
C ASN A 385 -5.59 21.43 3.91
N ARG A 386 -5.44 22.73 3.71
CA ARG A 386 -5.27 23.23 2.35
C ARG A 386 -3.92 22.80 1.79
N LEU A 387 -2.88 22.80 2.61
CA LEU A 387 -1.57 22.34 2.17
C LEU A 387 -1.60 20.86 1.82
N VAL A 388 -2.28 20.06 2.63
CA VAL A 388 -2.34 18.62 2.39
C VAL A 388 -3.08 18.33 1.09
N THR A 389 -4.20 19.01 0.86
CA THR A 389 -4.96 18.79 -0.36
C THR A 389 -4.16 19.23 -1.59
N PHE A 390 -3.48 20.37 -1.50
CA PHE A 390 -2.72 20.87 -2.64
C PHE A 390 -1.44 20.08 -2.86
N SER A 391 -0.91 19.43 -1.83
CA SER A 391 0.23 18.54 -2.02
C SER A 391 -0.19 17.22 -2.65
N ALA A 392 -1.40 16.75 -2.35
CA ALA A 392 -1.88 15.51 -2.96
C ALA A 392 -2.05 15.66 -4.46
N ILE A 393 -2.63 16.78 -4.91
CA ILE A 393 -2.88 16.94 -6.34
C ILE A 393 -1.58 17.09 -7.11
N LEU A 394 -0.55 17.67 -6.49
CA LEU A 394 0.74 17.79 -7.15
C LEU A 394 1.31 16.42 -7.47
N LEU A 395 1.38 15.55 -6.46
CA LEU A 395 1.93 14.22 -6.67
C LEU A 395 0.93 13.29 -7.36
N ALA A 396 -0.37 13.49 -7.13
CA ALA A 396 -1.37 12.70 -7.84
C ALA A 396 -1.35 13.01 -9.33
N GLY A 397 -1.14 14.27 -9.69
CA GLY A 397 -0.98 14.61 -11.09
C GLY A 397 0.22 13.94 -11.72
N GLY A 398 1.31 13.81 -10.95
CA GLY A 398 2.47 13.13 -11.47
C GLY A 398 2.24 11.64 -11.71
N VAL A 399 1.51 10.99 -10.80
CA VAL A 399 1.18 9.58 -10.99
C VAL A 399 0.29 9.40 -12.22
N MET A 400 -0.69 10.28 -12.40
CA MET A 400 -1.60 10.16 -13.54
C MET A 400 -0.85 10.39 -14.86
N PHE A 401 0.01 11.41 -14.90
CA PHE A 401 0.68 11.76 -16.15
C PHE A 401 1.67 10.69 -16.56
N SER A 402 2.47 10.18 -15.62
CA SER A 402 3.46 9.17 -15.95
C SER A 402 2.79 7.84 -16.29
N LEU A 403 1.65 7.55 -15.67
CA LEU A 403 0.92 6.33 -16.01
C LEU A 403 0.36 6.41 -17.43
N THR A 404 -0.03 7.60 -17.87
CA THR A 404 -0.54 7.77 -19.23
C THR A 404 0.58 7.74 -20.26
N VAL A 405 1.72 8.34 -19.96
CA VAL A 405 2.81 8.40 -20.93
C VAL A 405 3.42 7.03 -21.14
N CYS A 406 3.62 6.28 -20.05
CA CYS A 406 4.30 4.99 -20.15
C CYS A 406 3.41 3.92 -20.77
N ILE A 407 2.12 3.95 -20.45
CA ILE A 407 1.21 2.94 -20.99
C ILE A 407 1.05 3.12 -22.50
N GLY A 408 1.03 4.36 -22.98
CA GLY A 408 0.94 4.57 -24.42
C GLY A 408 2.17 4.08 -25.15
N LEU A 409 3.35 4.36 -24.61
CA LEU A 409 4.58 3.90 -25.24
C LEU A 409 4.67 2.38 -25.26
N TYR A 410 4.27 1.73 -24.17
CA TYR A 410 4.32 0.27 -24.10
C TYR A 410 3.41 -0.35 -25.15
N VAL A 411 2.19 0.19 -25.30
CA VAL A 411 1.22 -0.39 -26.23
C VAL A 411 1.71 -0.23 -27.67
N GLN A 412 2.25 0.93 -28.01
CA GLN A 412 2.70 1.15 -29.38
C GLN A 412 3.98 0.36 -29.68
N ASP A 413 4.95 0.40 -28.77
CA ASP A 413 6.25 -0.20 -29.04
C ASP A 413 6.23 -1.71 -28.83
N ILE A 414 5.91 -2.15 -27.61
CA ILE A 414 6.04 -3.56 -27.28
C ILE A 414 4.97 -4.37 -28.01
N LEU A 415 3.72 -3.89 -28.01
CA LEU A 415 2.61 -4.65 -28.56
C LEU A 415 2.30 -4.31 -30.01
N GLY A 416 2.76 -3.17 -30.51
CA GLY A 416 2.64 -2.86 -31.92
C GLY A 416 1.22 -2.71 -32.44
N TYR A 417 0.37 -1.96 -31.73
CA TYR A 417 -1.01 -1.80 -32.14
C TYR A 417 -1.19 -0.66 -33.15
N SER A 418 -0.36 0.39 -33.07
CA SER A 418 -0.43 1.60 -33.88
C SER A 418 -1.34 2.63 -33.24
N ALA A 419 -1.25 3.89 -33.69
CA ALA A 419 -1.96 4.98 -33.03
C ALA A 419 -3.47 4.82 -33.14
N LEU A 420 -3.98 4.44 -34.32
CA LEU A 420 -5.41 4.32 -34.50
C LEU A 420 -5.98 3.20 -33.65
N ARG A 421 -5.36 2.01 -33.69
CA ARG A 421 -5.85 0.88 -32.92
C ARG A 421 -5.73 1.15 -31.42
N ALA A 422 -4.66 1.83 -31.00
CA ALA A 422 -4.48 2.14 -29.59
C ALA A 422 -5.60 3.03 -29.08
N GLY A 423 -5.99 4.04 -29.86
CA GLY A 423 -7.06 4.92 -29.43
C GLY A 423 -8.39 4.20 -29.32
N VAL A 424 -8.69 3.31 -30.27
CA VAL A 424 -9.93 2.56 -30.22
C VAL A 424 -9.91 1.59 -29.04
N GLY A 425 -8.74 1.06 -28.69
CA GLY A 425 -8.65 0.15 -27.56
C GLY A 425 -8.76 0.82 -26.20
N PHE A 426 -8.59 2.15 -26.15
CA PHE A 426 -8.75 2.90 -24.91
C PHE A 426 -10.15 3.48 -24.75
N ILE A 427 -11.09 3.18 -25.66
CA ILE A 427 -12.48 3.62 -25.47
C ILE A 427 -13.05 3.06 -24.18
N PRO A 428 -12.85 1.79 -23.82
CA PRO A 428 -13.39 1.31 -22.53
C PRO A 428 -12.88 2.07 -21.33
N PHE A 429 -11.69 2.68 -21.40
CA PHE A 429 -11.21 3.48 -20.29
C PHE A 429 -12.12 4.67 -20.04
N VAL A 430 -12.56 5.33 -21.10
CA VAL A 430 -13.44 6.49 -20.95
C VAL A 430 -14.79 6.05 -20.40
N ILE A 431 -15.33 4.94 -20.90
CA ILE A 431 -16.60 4.43 -20.38
C ILE A 431 -16.46 4.02 -18.93
N ALA A 432 -15.37 3.31 -18.61
CA ALA A 432 -15.13 2.90 -17.22
C ALA A 432 -14.96 4.12 -16.33
N MET A 433 -14.22 5.13 -16.80
CA MET A 433 -14.02 6.33 -16.00
C MET A 433 -15.32 7.10 -15.82
N GLY A 434 -16.18 7.12 -16.83
CA GLY A 434 -17.48 7.78 -16.67
C GLY A 434 -18.31 7.16 -15.57
N ILE A 435 -18.24 5.84 -15.42
CA ILE A 435 -18.95 5.17 -14.34
C ILE A 435 -18.40 5.60 -12.98
N GLY A 436 -17.07 5.68 -12.87
CA GLY A 436 -16.49 6.13 -11.61
C GLY A 436 -16.86 7.56 -11.27
N LEU A 437 -16.83 8.45 -12.26
CA LEU A 437 -17.23 9.83 -12.02
C LEU A 437 -18.71 9.94 -11.70
N GLY A 438 -19.54 9.18 -12.42
CA GLY A 438 -20.97 9.24 -12.16
C GLY A 438 -21.35 8.71 -10.79
N VAL A 439 -20.73 7.61 -10.37
CA VAL A 439 -21.01 7.04 -9.06
C VAL A 439 -20.52 7.99 -7.96
N SER A 440 -19.31 8.52 -8.12
CA SER A 440 -18.71 9.33 -7.07
C SER A 440 -19.47 10.62 -6.83
N SER A 441 -20.13 11.16 -7.86
CA SER A 441 -20.87 12.40 -7.69
C SER A 441 -22.02 12.21 -6.71
N GLN A 442 -22.64 11.04 -6.73
CA GLN A 442 -23.73 10.74 -5.81
C GLN A 442 -23.21 10.53 -4.39
N LEU A 443 -22.12 9.77 -4.25
CA LEU A 443 -21.64 9.37 -2.93
C LEU A 443 -20.92 10.49 -2.19
N VAL A 444 -20.49 11.53 -2.89
CA VAL A 444 -19.67 12.56 -2.26
C VAL A 444 -20.45 13.35 -1.21
N SER A 445 -21.77 13.32 -1.25
CA SER A 445 -22.58 14.06 -0.28
C SER A 445 -22.74 13.31 1.04
N ARG A 446 -22.44 12.01 1.07
CA ARG A 446 -22.59 11.19 2.26
C ARG A 446 -21.28 10.77 2.89
N PHE A 447 -20.22 10.60 2.10
CA PHE A 447 -18.92 10.17 2.57
C PHE A 447 -17.89 11.27 2.38
N SER A 448 -16.94 11.34 3.31
CA SER A 448 -15.92 12.37 3.27
C SER A 448 -14.98 12.13 2.08
N PRO A 449 -14.31 13.18 1.60
CA PRO A 449 -13.35 12.97 0.50
C PRO A 449 -12.18 12.08 0.87
N ARG A 450 -11.91 11.87 2.16
CA ARG A 450 -10.80 11.03 2.57
C ARG A 450 -11.03 9.58 2.18
N VAL A 451 -12.22 9.03 2.49
CA VAL A 451 -12.47 7.62 2.24
C VAL A 451 -12.65 7.36 0.75
N LEU A 452 -13.29 8.29 0.03
CA LEU A 452 -13.51 8.08 -1.40
C LEU A 452 -12.19 8.10 -2.17
N THR A 453 -11.27 8.98 -1.80
CA THR A 453 -9.95 8.98 -2.43
C THR A 453 -9.20 7.69 -2.13
N ILE A 454 -9.27 7.22 -0.88
CA ILE A 454 -8.62 5.97 -0.54
C ILE A 454 -9.33 4.79 -1.20
N GLY A 455 -10.67 4.80 -1.19
CA GLY A 455 -11.40 3.70 -1.79
C GLY A 455 -11.17 3.58 -3.28
N GLY A 456 -11.16 4.71 -3.99
CA GLY A 456 -10.95 4.67 -5.43
C GLY A 456 -9.57 4.18 -5.81
N GLY A 457 -8.54 4.71 -5.14
CA GLY A 457 -7.18 4.32 -5.46
C GLY A 457 -6.82 2.90 -5.06
N TYR A 458 -7.54 2.33 -4.09
CA TYR A 458 -7.32 0.93 -3.75
C TYR A 458 -7.63 0.04 -4.95
N LEU A 459 -8.66 0.41 -5.73
CA LEU A 459 -8.90 -0.30 -6.98
C LEU A 459 -7.79 -0.05 -8.00
N LEU A 460 -7.29 1.19 -8.07
CA LEU A 460 -6.20 1.49 -8.98
C LEU A 460 -4.92 0.78 -8.57
N PHE A 461 -4.67 0.65 -7.27
CA PHE A 461 -3.45 -0.01 -6.80
C PHE A 461 -3.44 -1.47 -7.22
N GLY A 462 -4.59 -2.14 -7.16
CA GLY A 462 -4.66 -3.52 -7.62
C GLY A 462 -4.46 -3.64 -9.12
N ALA A 463 -4.99 -2.70 -9.88
CA ALA A 463 -4.86 -2.75 -11.34
C ALA A 463 -3.40 -2.67 -11.77
N MET A 464 -2.63 -1.79 -11.14
CA MET A 464 -1.22 -1.67 -11.48
C MET A 464 -0.44 -2.92 -11.11
N LEU A 465 -0.78 -3.54 -9.97
CA LEU A 465 -0.08 -4.76 -9.56
C LEU A 465 -0.35 -5.90 -10.54
N TYR A 466 -1.59 -6.07 -10.98
CA TYR A 466 -1.89 -7.11 -11.95
C TYR A 466 -1.12 -6.89 -13.25
N GLY A 467 -1.11 -5.65 -13.75
CA GLY A 467 -0.35 -5.35 -14.94
C GLY A 467 1.15 -5.45 -14.76
N SER A 468 1.61 -5.44 -13.52
CA SER A 468 3.04 -5.55 -13.24
C SER A 468 3.54 -6.98 -13.13
N PHE A 469 2.64 -7.97 -13.24
CA PHE A 469 3.01 -9.38 -13.12
C PHE A 469 2.58 -10.25 -14.29
N PHE A 470 1.57 -9.86 -15.07
CA PHE A 470 0.98 -10.73 -16.08
C PHE A 470 0.79 -9.99 -17.39
N MET A 471 1.79 -9.20 -17.80
CA MET A 471 1.65 -8.27 -18.91
C MET A 471 2.85 -8.34 -19.85
N HIS A 472 3.21 -9.55 -20.27
CA HIS A 472 4.29 -9.70 -21.21
C HIS A 472 3.81 -9.49 -22.64
N ARG A 473 4.75 -9.51 -23.58
CA ARG A 473 4.42 -9.35 -24.99
C ARG A 473 3.72 -10.59 -25.52
N GLY A 474 2.70 -10.37 -26.34
CA GLY A 474 2.02 -11.44 -27.03
C GLY A 474 0.71 -11.91 -26.40
N VAL A 475 0.26 -11.27 -25.32
CA VAL A 475 -0.99 -11.66 -24.67
C VAL A 475 -2.15 -11.15 -25.51
N PRO A 476 -3.34 -11.77 -25.40
CA PRO A 476 -4.50 -11.25 -26.14
C PRO A 476 -4.98 -9.91 -25.60
N TYR A 477 -6.08 -9.40 -26.16
CA TYR A 477 -6.57 -8.07 -25.82
C TYR A 477 -7.64 -8.12 -24.74
N PHE A 478 -8.69 -8.92 -24.95
CA PHE A 478 -9.83 -8.87 -24.04
C PHE A 478 -9.51 -9.51 -22.69
N PRO A 479 -8.93 -10.71 -22.62
CA PRO A 479 -8.59 -11.26 -21.30
C PRO A 479 -7.65 -10.38 -20.48
N ASN A 480 -6.54 -9.93 -21.05
CA ASN A 480 -5.43 -9.40 -20.26
C ASN A 480 -5.35 -7.88 -20.25
N LEU A 481 -5.60 -7.21 -21.37
CA LEU A 481 -5.37 -5.77 -21.47
C LEU A 481 -6.62 -4.94 -21.19
N VAL A 482 -7.82 -5.47 -21.40
CA VAL A 482 -9.02 -4.67 -21.21
C VAL A 482 -9.33 -4.49 -19.73
N MET A 483 -9.33 -5.60 -18.98
CA MET A 483 -9.81 -5.58 -17.60
C MET A 483 -9.00 -4.68 -16.69
N PRO A 484 -7.67 -4.76 -16.65
CA PRO A 484 -6.94 -3.84 -15.77
C PRO A 484 -7.17 -2.38 -16.11
N ILE A 485 -7.42 -2.06 -17.37
CA ILE A 485 -7.72 -0.68 -17.76
C ILE A 485 -9.09 -0.26 -17.23
N VAL A 486 -10.06 -1.16 -17.29
CA VAL A 486 -11.41 -0.83 -16.82
C VAL A 486 -11.42 -0.65 -15.30
N VAL A 487 -10.76 -1.55 -14.58
CA VAL A 487 -10.71 -1.44 -13.12
C VAL A 487 -9.97 -0.18 -12.71
N GLY A 488 -8.86 0.12 -13.38
CA GLY A 488 -8.11 1.32 -13.05
C GLY A 488 -8.87 2.59 -13.37
N GLY A 489 -9.64 2.59 -14.46
CA GLY A 489 -10.40 3.76 -14.81
C GLY A 489 -11.48 4.11 -13.80
N ILE A 490 -12.16 3.09 -13.27
CA ILE A 490 -13.18 3.32 -12.25
C ILE A 490 -12.54 3.87 -10.98
N GLY A 491 -11.39 3.33 -10.59
CA GLY A 491 -10.71 3.83 -9.41
C GLY A 491 -10.27 5.28 -9.55
N ILE A 492 -9.74 5.63 -10.72
CA ILE A 492 -9.34 7.02 -10.97
C ILE A 492 -10.55 7.93 -10.94
N GLY A 493 -11.66 7.49 -11.55
CA GLY A 493 -12.86 8.31 -11.56
C GLY A 493 -13.41 8.57 -10.18
N MET A 494 -13.32 7.58 -9.29
CA MET A 494 -13.84 7.74 -7.94
C MET A 494 -13.06 8.78 -7.15
N ALA A 495 -11.74 8.84 -7.32
CA ALA A 495 -10.90 9.72 -6.53
C ALA A 495 -10.78 11.13 -7.10
N VAL A 496 -11.10 11.34 -8.37
CA VAL A 496 -10.92 12.65 -8.98
C VAL A 496 -11.94 13.66 -8.42
N VAL A 497 -13.21 13.25 -8.32
CA VAL A 497 -14.25 14.18 -7.92
C VAL A 497 -14.07 14.69 -6.49
N PRO A 498 -13.83 13.84 -5.49
CA PRO A 498 -13.60 14.38 -4.13
C PRO A 498 -12.41 15.33 -4.04
N LEU A 499 -11.33 15.04 -4.77
CA LEU A 499 -10.15 15.90 -4.71
C LEU A 499 -10.43 17.25 -5.33
N THR A 500 -11.24 17.30 -6.39
CA THR A 500 -11.51 18.56 -7.06
C THR A 500 -12.43 19.44 -6.22
N LEU A 501 -13.42 18.85 -5.55
CA LEU A 501 -14.35 19.62 -4.74
C LEU A 501 -13.65 20.22 -3.52
N SER A 502 -12.70 19.50 -2.92
CA SER A 502 -11.99 20.01 -1.76
C SER A 502 -10.94 21.06 -2.12
N ALA A 503 -10.51 21.11 -3.38
CA ALA A 503 -9.54 22.11 -3.80
C ALA A 503 -10.16 23.48 -4.02
N ILE A 504 -11.49 23.56 -4.18
CA ILE A 504 -12.18 24.82 -4.41
C ILE A 504 -13.18 25.06 -3.29
N ALA A 505 -12.89 24.55 -2.10
CA ALA A 505 -13.81 24.58 -0.98
C ALA A 505 -13.42 25.70 0.00
N GLY A 506 -14.41 26.49 0.41
CA GLY A 506 -14.22 27.49 1.43
C GLY A 506 -13.26 28.61 1.05
N VAL A 507 -13.41 29.15 -0.15
CA VAL A 507 -12.57 30.24 -0.64
C VAL A 507 -13.38 31.54 -0.77
N GLY A 508 -14.41 31.52 -1.61
CA GLY A 508 -15.23 32.69 -1.86
C GLY A 508 -15.24 33.07 -3.34
N PHE A 509 -15.40 34.36 -3.61
CA PHE A 509 -15.40 34.89 -4.96
C PHE A 509 -14.25 35.84 -5.25
N ASP A 510 -13.63 36.43 -4.24
CA ASP A 510 -12.51 37.33 -4.43
C ASP A 510 -11.16 36.62 -4.37
N GLN A 511 -11.14 35.30 -4.21
CA GLN A 511 -9.90 34.53 -4.23
C GLN A 511 -10.04 33.20 -4.94
N ILE A 512 -11.18 32.93 -5.58
CA ILE A 512 -11.35 31.67 -6.32
C ILE A 512 -10.45 31.66 -7.54
N GLY A 513 -10.19 32.82 -8.14
CA GLY A 513 -9.35 32.92 -9.31
C GLY A 513 -7.95 32.39 -9.08
N PRO A 514 -7.17 33.06 -8.22
CA PRO A 514 -5.80 32.57 -7.98
C PRO A 514 -5.73 31.17 -7.39
N VAL A 515 -6.71 30.77 -6.57
CA VAL A 515 -6.68 29.43 -5.98
C VAL A 515 -6.89 28.38 -7.05
N SER A 516 -7.76 28.65 -8.02
CA SER A 516 -7.97 27.70 -9.12
C SER A 516 -6.73 27.61 -10.01
N ALA A 517 -6.05 28.74 -10.21
CA ALA A 517 -4.83 28.72 -11.03
C ALA A 517 -3.74 27.89 -10.37
N ILE A 518 -3.62 27.98 -9.04
CA ILE A 518 -2.61 27.19 -8.34
C ILE A 518 -2.93 25.70 -8.43
N ALA A 519 -4.23 25.36 -8.38
CA ALA A 519 -4.61 23.95 -8.42
C ALA A 519 -4.23 23.32 -9.76
N LEU A 520 -4.43 24.03 -10.86
CA LEU A 520 -4.06 23.49 -12.17
C LEU A 520 -2.55 23.48 -12.38
N MET A 521 -1.84 24.50 -11.87
CA MET A 521 -0.39 24.54 -12.07
C MET A 521 0.31 23.40 -11.35
N LEU A 522 -0.10 23.10 -10.10
CA LEU A 522 0.50 21.99 -9.38
C LEU A 522 0.21 20.67 -10.08
N GLN A 523 -1.00 20.52 -10.60
CA GLN A 523 -1.35 19.30 -11.33
C GLN A 523 -0.48 19.14 -12.58
N SER A 524 -0.26 20.23 -13.32
CA SER A 524 0.57 20.17 -14.51
C SER A 524 2.06 20.10 -14.18
N LEU A 525 2.49 20.76 -13.11
CA LEU A 525 3.90 20.74 -12.75
C LEU A 525 4.35 19.35 -12.29
N GLY A 526 3.45 18.61 -11.62
CA GLY A 526 3.82 17.30 -11.10
C GLY A 526 4.03 16.24 -12.16
N GLY A 527 3.53 16.47 -13.38
CA GLY A 527 3.65 15.51 -14.44
C GLY A 527 5.08 15.24 -14.83
N PRO A 528 5.78 16.26 -15.35
CA PRO A 528 7.18 16.05 -15.77
C PRO A 528 8.10 15.58 -14.66
N LEU A 529 7.88 16.03 -13.42
CA LEU A 529 8.80 15.68 -12.34
C LEU A 529 8.78 14.20 -12.04
N VAL A 530 7.58 13.63 -11.85
CA VAL A 530 7.50 12.20 -11.56
C VAL A 530 7.90 11.38 -12.77
N LEU A 531 7.48 11.80 -13.97
CA LEU A 531 7.82 11.05 -15.18
C LEU A 531 9.32 11.04 -15.42
N ALA A 532 10.03 12.10 -15.03
CA ALA A 532 11.47 12.11 -15.18
C ALA A 532 12.12 11.01 -14.34
N VAL A 533 11.63 10.82 -13.12
CA VAL A 533 12.18 9.77 -12.26
C VAL A 533 11.87 8.40 -12.84
N ILE A 534 10.64 8.19 -13.31
CA ILE A 534 10.24 6.88 -13.81
C ILE A 534 11.06 6.52 -15.05
N GLN A 535 11.20 7.46 -15.98
CA GLN A 535 11.93 7.16 -17.22
C GLN A 535 13.40 6.88 -16.95
N ALA A 536 13.97 7.49 -15.91
CA ALA A 536 15.35 7.15 -15.52
C ALA A 536 15.43 5.72 -15.03
N VAL A 537 14.45 5.27 -14.26
CA VAL A 537 14.45 3.90 -13.75
C VAL A 537 14.26 2.91 -14.89
N ILE A 538 13.43 3.27 -15.88
CA ILE A 538 13.22 2.38 -17.02
C ILE A 538 14.52 2.18 -17.78
N THR A 539 15.25 3.26 -18.04
CA THR A 539 16.46 3.16 -18.83
C THR A 539 17.53 2.36 -18.12
N SER A 540 17.68 2.55 -16.81
CA SER A 540 18.74 1.86 -16.08
C SER A 540 18.55 0.36 -16.10
N ARG A 541 17.32 -0.11 -15.90
CA ARG A 541 17.07 -1.54 -15.90
C ARG A 541 17.07 -2.14 -17.29
N THR A 542 16.84 -1.34 -18.33
CA THR A 542 16.99 -1.85 -19.69
C THR A 542 18.43 -2.24 -19.96
N LEU A 543 19.38 -1.40 -19.55
CA LEU A 543 20.79 -1.74 -19.71
C LEU A 543 21.19 -2.88 -18.78
N TYR A 544 20.65 -2.91 -17.57
CA TYR A 544 21.02 -3.93 -16.60
C TYR A 544 20.64 -5.33 -17.09
N LEU A 545 19.43 -5.48 -17.63
CA LEU A 545 18.98 -6.77 -18.14
C LEU A 545 19.58 -7.11 -19.50
N GLY A 546 20.31 -6.19 -20.12
CA GLY A 546 20.86 -6.38 -21.44
C GLY A 546 20.00 -5.68 -22.47
N GLY A 547 20.42 -4.49 -22.89
CA GLY A 547 19.58 -3.68 -23.76
C GLY A 547 20.40 -2.60 -24.43
N THR A 548 19.73 -1.87 -25.33
CA THR A 548 20.36 -0.83 -26.12
C THR A 548 19.50 0.42 -26.08
N THR A 549 20.16 1.58 -26.02
CA THR A 549 19.48 2.86 -26.05
C THR A 549 19.40 3.35 -27.50
N GLY A 550 18.17 3.59 -27.97
CA GLY A 550 17.95 4.03 -29.33
C GLY A 550 16.56 3.68 -29.82
N PRO A 551 16.31 3.89 -31.11
CA PRO A 551 14.99 3.54 -31.67
C PRO A 551 14.69 2.06 -31.51
N VAL A 552 13.41 1.77 -31.28
CA VAL A 552 12.98 0.40 -31.01
C VAL A 552 12.99 -0.45 -32.27
N LYS A 553 13.01 0.16 -33.46
CA LYS A 553 12.96 -0.63 -34.69
C LYS A 553 14.27 -1.39 -34.93
N PHE A 554 15.39 -0.87 -34.43
CA PHE A 554 16.66 -1.59 -34.52
C PHE A 554 16.93 -2.32 -33.21
N MET A 555 16.18 -3.41 -33.00
CA MET A 555 16.34 -4.23 -31.82
C MET A 555 16.31 -5.70 -32.19
N ASN A 556 16.96 -6.51 -31.36
CA ASN A 556 17.33 -7.87 -31.69
C ASN A 556 16.26 -8.91 -31.37
N ASP A 557 15.16 -8.52 -30.71
CA ASP A 557 14.11 -9.35 -30.13
C ASP A 557 14.59 -10.03 -28.86
N VAL A 558 15.87 -9.92 -28.49
CA VAL A 558 16.36 -10.28 -27.16
C VAL A 558 16.60 -8.97 -26.42
N GLN A 559 17.00 -7.93 -27.16
CA GLN A 559 17.03 -6.58 -26.61
C GLN A 559 15.64 -6.01 -26.42
N LEU A 560 14.65 -6.49 -27.18
CA LEU A 560 13.28 -6.03 -27.05
C LEU A 560 12.59 -6.64 -25.84
N ALA A 561 12.96 -7.87 -25.47
CA ALA A 561 12.41 -8.47 -24.26
C ALA A 561 12.89 -7.72 -23.02
N ALA A 562 14.14 -7.24 -23.03
CA ALA A 562 14.64 -6.46 -21.90
C ALA A 562 13.85 -5.17 -21.73
N LEU A 563 13.48 -4.53 -22.85
CA LEU A 563 12.66 -3.33 -22.77
C LEU A 563 11.27 -3.66 -22.24
N ASP A 564 10.74 -4.84 -22.58
CA ASP A 564 9.44 -5.24 -22.06
C ASP A 564 9.46 -5.33 -20.55
N HIS A 565 10.47 -5.98 -19.98
CA HIS A 565 10.52 -6.18 -18.54
C HIS A 565 10.95 -4.92 -17.80
N ALA A 566 11.60 -3.98 -18.47
CA ALA A 566 11.89 -2.69 -17.85
C ALA A 566 10.61 -1.91 -17.60
N TYR A 567 9.70 -1.89 -18.57
CA TYR A 567 8.42 -1.19 -18.40
C TYR A 567 7.62 -1.81 -17.27
N THR A 568 7.56 -3.14 -17.21
CA THR A 568 6.84 -3.81 -16.15
C THR A 568 7.44 -3.52 -14.79
N TYR A 569 8.76 -3.38 -14.72
CA TYR A 569 9.41 -3.03 -13.46
C TYR A 569 9.08 -1.61 -13.03
N GLY A 570 9.08 -0.67 -13.97
CA GLY A 570 8.77 0.71 -13.65
C GLY A 570 7.36 0.91 -13.16
N LEU A 571 6.45 -0.01 -13.50
CA LEU A 571 5.08 0.09 -13.00
C LEU A 571 5.01 -0.15 -11.49
N LEU A 572 6.01 -0.80 -10.90
CA LEU A 572 6.08 -0.91 -9.45
C LEU A 572 6.45 0.43 -8.81
N TRP A 573 7.30 1.22 -9.47
CA TRP A 573 7.66 2.52 -8.94
C TRP A 573 6.51 3.50 -8.99
N VAL A 574 5.65 3.40 -10.01
CA VAL A 574 4.47 4.25 -10.06
C VAL A 574 3.49 3.87 -8.96
N ALA A 575 3.38 2.57 -8.67
CA ALA A 575 2.52 2.13 -7.56
C ALA A 575 3.07 2.59 -6.22
N GLY A 576 4.40 2.60 -6.07
CA GLY A 576 4.99 3.08 -4.84
C GLY A 576 4.71 4.56 -4.60
N ALA A 577 4.76 5.36 -5.67
CA ALA A 577 4.42 6.77 -5.55
C ALA A 577 2.95 6.96 -5.22
N ALA A 578 2.08 6.09 -5.72
CA ALA A 578 0.67 6.18 -5.40
C ALA A 578 0.41 5.94 -3.91
N ILE A 579 1.19 5.04 -3.30
CA ILE A 579 1.03 4.77 -1.87
C ILE A 579 1.32 6.02 -1.06
N ILE A 580 2.31 6.81 -1.49
CA ILE A 580 2.65 8.04 -0.77
C ILE A 580 1.51 9.05 -0.83
N VAL A 581 0.84 9.12 -1.98
CA VAL A 581 -0.33 10.00 -2.11
C VAL A 581 -1.41 9.59 -1.12
N GLY A 582 -1.57 8.29 -0.90
CA GLY A 582 -2.61 7.82 0.01
C GLY A 582 -2.38 8.19 1.45
N GLY A 583 -1.16 8.00 1.94
CA GLY A 583 -0.87 8.36 3.32
C GLY A 583 -0.97 9.86 3.53
N MET A 584 -0.55 10.63 2.53
CA MET A 584 -0.70 12.07 2.57
C MET A 584 -2.16 12.49 2.42
N ALA A 585 -3.01 11.64 1.84
CA ALA A 585 -4.44 11.92 1.74
C ALA A 585 -5.18 11.59 3.03
N LEU A 586 -4.59 10.83 3.95
CA LEU A 586 -5.21 10.54 5.24
C LEU A 586 -5.28 11.76 6.15
N PHE A 587 -4.59 12.85 5.80
CA PHE A 587 -4.55 14.05 6.63
C PHE A 587 -5.49 15.14 6.13
N ILE A 588 -6.36 14.84 5.16
CA ILE A 588 -7.24 15.87 4.60
C ILE A 588 -8.24 16.34 5.64
N GLY A 589 -9.11 15.44 6.11
CA GLY A 589 -9.98 15.75 7.21
C GLY A 589 -11.17 16.63 6.89
N TYR A 590 -11.44 16.91 5.62
CA TYR A 590 -12.65 17.63 5.26
C TYR A 590 -13.88 16.76 5.51
N THR A 591 -14.97 17.41 5.90
CA THR A 591 -16.26 16.75 6.06
C THR A 591 -17.09 16.91 4.80
N PRO A 592 -18.04 16.00 4.55
CA PRO A 592 -18.92 16.19 3.38
C PRO A 592 -19.76 17.45 3.44
N GLN A 593 -19.96 18.02 4.63
CA GLN A 593 -20.73 19.26 4.75
C GLN A 593 -20.01 20.43 4.09
N GLN A 594 -18.68 20.43 4.12
CA GLN A 594 -17.91 21.57 3.62
C GLN A 594 -17.71 21.49 2.11
N VAL A 595 -17.16 20.37 1.62
CA VAL A 595 -16.85 20.26 0.20
C VAL A 595 -18.12 20.25 -0.64
N ALA A 596 -19.15 19.56 -0.17
CA ALA A 596 -20.40 19.42 -0.88
C ALA A 596 -21.53 19.57 0.14
N HIS A 597 -22.73 19.12 -0.24
CA HIS A 597 -23.86 19.08 0.68
C HIS A 597 -24.19 20.49 1.19
N ALA A 598 -24.60 21.33 0.25
CA ALA A 598 -25.04 22.67 0.58
C ALA A 598 -26.32 23.01 -0.18
N ARG B 129 -6.49 -42.48 4.77
CA ARG B 129 -6.47 -42.52 6.23
C ARG B 129 -5.04 -42.34 6.75
N SER B 130 -4.08 -42.95 6.06
CA SER B 130 -2.68 -42.84 6.47
C SER B 130 -2.15 -41.43 6.27
N PHE B 131 -2.41 -40.84 5.10
CA PHE B 131 -1.98 -39.47 4.86
C PHE B 131 -2.73 -38.50 5.76
N ILE B 132 -4.01 -38.75 6.01
CA ILE B 132 -4.79 -37.86 6.86
C ILE B 132 -4.28 -37.92 8.29
N ALA B 133 -4.00 -39.13 8.79
CA ALA B 133 -3.52 -39.28 10.15
C ALA B 133 -2.15 -38.65 10.33
N ALA B 134 -1.32 -38.64 9.28
CA ALA B 134 0.04 -38.12 9.41
C ALA B 134 0.06 -36.60 9.50
N VAL B 135 -0.74 -35.92 8.67
CA VAL B 135 -0.73 -34.47 8.66
C VAL B 135 -1.35 -33.92 9.95
N ILE B 136 -2.39 -34.58 10.46
CA ILE B 136 -3.00 -34.14 11.71
C ILE B 136 -2.02 -34.30 12.87
N ALA B 137 -1.30 -35.43 12.91
CA ALA B 137 -0.38 -35.67 14.01
C ALA B 137 0.77 -34.67 14.01
N ILE B 138 1.29 -34.33 12.83
CA ILE B 138 2.47 -33.46 12.76
C ILE B 138 2.12 -32.06 13.27
N GLY B 139 0.93 -31.56 12.96
CA GLY B 139 0.51 -30.25 13.40
C GLY B 139 -0.11 -30.22 14.78
N GLY B 140 0.03 -31.28 15.57
CA GLY B 140 -0.64 -31.33 16.86
C GLY B 140 -0.13 -30.28 17.84
N MET B 141 1.19 -30.09 17.91
CA MET B 141 1.73 -29.15 18.88
C MET B 141 1.39 -27.70 18.56
N GLN B 142 1.08 -27.39 17.30
CA GLN B 142 0.59 -26.06 16.96
C GLN B 142 -0.81 -25.84 17.51
N LEU B 143 -1.64 -26.88 17.53
CA LEU B 143 -2.96 -26.77 18.12
C LEU B 143 -2.86 -26.59 19.63
N LEU B 144 -2.07 -27.42 20.30
CA LEU B 144 -2.00 -27.40 21.75
C LEU B 144 -1.38 -26.10 22.26
N ALA B 145 -0.26 -25.70 21.66
CA ALA B 145 0.47 -24.54 22.17
C ALA B 145 -0.36 -23.27 22.04
N THR B 146 -1.05 -23.11 20.91
CA THR B 146 -1.85 -21.89 20.70
C THR B 146 -3.11 -21.90 21.56
N MET B 147 -3.71 -23.08 21.75
CA MET B 147 -4.91 -23.16 22.57
C MET B 147 -4.60 -22.92 24.04
N ASP B 148 -3.48 -23.47 24.52
CA ASP B 148 -3.16 -23.33 25.94
C ASP B 148 -2.92 -21.86 26.31
N SER B 149 -2.21 -21.13 25.47
CA SER B 149 -1.91 -19.73 25.78
C SER B 149 -3.19 -18.90 25.85
N THR B 150 -4.12 -19.13 24.93
CA THR B 150 -5.36 -18.36 24.93
C THR B 150 -6.20 -18.68 26.16
N VAL B 151 -6.22 -19.94 26.59
CA VAL B 151 -6.97 -20.32 27.78
C VAL B 151 -6.33 -19.73 29.03
N ALA B 152 -5.00 -19.72 29.08
CA ALA B 152 -4.31 -19.17 30.25
C ALA B 152 -4.60 -17.69 30.43
N ILE B 153 -4.63 -16.93 29.33
CA ILE B 153 -4.93 -15.51 29.42
C ILE B 153 -6.36 -15.30 29.90
N VAL B 154 -7.29 -16.12 29.42
CA VAL B 154 -8.70 -15.93 29.75
C VAL B 154 -8.94 -16.14 31.23
N ALA B 155 -8.26 -17.12 31.83
CA ALA B 155 -8.52 -17.52 33.21
C ALA B 155 -7.64 -16.80 34.23
N LEU B 156 -6.85 -15.82 33.82
CA LEU B 156 -6.00 -15.10 34.75
C LEU B 156 -6.76 -14.40 35.86
N PRO B 157 -7.85 -13.67 35.61
CA PRO B 157 -8.49 -12.91 36.69
C PRO B 157 -8.96 -13.76 37.86
N LYS B 158 -9.42 -14.98 37.60
CA LYS B 158 -9.90 -15.84 38.69
C LYS B 158 -8.76 -16.43 39.51
N ILE B 159 -7.63 -16.74 38.86
CA ILE B 159 -6.51 -17.32 39.58
C ILE B 159 -6.01 -16.38 40.67
N GLN B 160 -6.25 -15.08 40.52
CA GLN B 160 -6.06 -14.16 41.64
C GLN B 160 -7.04 -14.47 42.77
N ASN B 161 -8.32 -14.59 42.45
CA ASN B 161 -9.34 -14.66 43.48
C ASN B 161 -9.19 -15.90 44.35
N GLU B 162 -8.65 -16.99 43.80
CA GLU B 162 -8.51 -18.24 44.55
C GLU B 162 -7.12 -18.37 45.18
N LEU B 163 -6.06 -18.33 44.38
CA LEU B 163 -4.72 -18.46 44.92
C LEU B 163 -4.30 -17.20 45.67
N SER B 164 -4.83 -16.04 45.30
CA SER B 164 -4.42 -14.76 45.88
C SER B 164 -2.92 -14.53 45.65
N LEU B 165 -2.50 -14.72 44.41
CA LEU B 165 -1.10 -14.50 44.05
C LEU B 165 -0.77 -13.03 43.82
N SER B 166 -1.75 -12.13 43.92
CA SER B 166 -1.51 -10.70 43.91
C SER B 166 -1.20 -10.18 42.52
N ASP B 167 -1.04 -8.86 42.40
CA ASP B 167 -0.74 -8.26 41.09
C ASP B 167 0.65 -8.63 40.62
N ALA B 168 1.60 -8.80 41.54
CA ALA B 168 2.92 -9.28 41.16
C ALA B 168 2.83 -10.67 40.52
N GLY B 169 2.13 -11.59 41.18
CA GLY B 169 1.99 -12.95 40.68
C GLY B 169 1.20 -13.06 39.39
N ARG B 170 0.51 -11.98 38.98
CA ARG B 170 -0.32 -12.04 37.77
C ARG B 170 0.53 -12.39 36.55
N SER B 171 1.70 -11.77 36.42
CA SER B 171 2.50 -11.91 35.21
C SER B 171 3.52 -13.05 35.27
N TRP B 172 3.74 -13.66 36.43
CA TRP B 172 4.72 -14.74 36.51
C TRP B 172 4.21 -16.03 35.89
N VAL B 173 2.91 -16.30 35.97
CA VAL B 173 2.36 -17.50 35.35
C VAL B 173 2.47 -17.43 33.84
N ILE B 174 2.33 -16.24 33.27
CA ILE B 174 2.50 -16.09 31.82
C ILE B 174 3.97 -16.15 31.45
N THR B 175 4.80 -15.34 32.12
CA THR B 175 6.21 -15.25 31.74
C THR B 175 6.97 -16.54 32.04
N ALA B 176 6.51 -17.34 33.00
CA ALA B 176 7.19 -18.60 33.30
C ALA B 176 7.17 -19.53 32.10
N TYR B 177 6.02 -19.64 31.44
CA TYR B 177 5.92 -20.46 30.23
C TYR B 177 6.81 -19.89 29.11
N VAL B 178 6.80 -18.58 28.94
CA VAL B 178 7.59 -17.96 27.87
C VAL B 178 9.08 -17.92 28.18
N LEU B 179 9.46 -18.00 29.45
CA LEU B 179 10.86 -17.95 29.81
C LEU B 179 11.62 -19.17 29.28
N THR B 180 11.08 -20.36 29.51
CA THR B 180 11.74 -21.57 29.05
C THR B 180 11.39 -21.91 27.60
N PHE B 181 10.21 -21.50 27.14
CA PHE B 181 9.80 -21.82 25.78
C PHE B 181 10.73 -21.18 24.75
N GLY B 182 11.10 -19.92 24.98
CA GLY B 182 12.03 -19.26 24.08
C GLY B 182 13.48 -19.60 24.36
N GLY B 183 13.81 -19.87 25.61
CA GLY B 183 15.19 -20.19 25.96
C GLY B 183 15.66 -21.50 25.36
N LEU B 184 14.84 -22.54 25.46
CA LEU B 184 15.22 -23.88 25.02
C LEU B 184 14.82 -24.18 23.58
N MET B 185 14.25 -23.21 22.86
CA MET B 185 13.77 -23.49 21.51
C MET B 185 14.91 -23.87 20.57
N LEU B 186 16.04 -23.16 20.66
CA LEU B 186 17.17 -23.45 19.79
C LEU B 186 17.92 -24.71 20.22
N LEU B 187 17.73 -25.18 21.45
CA LEU B 187 18.25 -26.49 21.82
C LEU B 187 17.41 -27.59 21.18
N GLY B 188 16.09 -27.41 21.12
CA GLY B 188 15.21 -28.40 20.54
C GLY B 188 15.35 -28.57 19.04
N GLY B 189 16.03 -27.64 18.36
CA GLY B 189 16.25 -27.80 16.94
C GLY B 189 17.17 -28.97 16.61
N ARG B 190 18.26 -29.10 17.36
CA ARG B 190 19.26 -30.14 17.12
C ARG B 190 19.01 -31.42 17.90
N LEU B 191 17.96 -31.49 18.71
CA LEU B 191 17.72 -32.67 19.53
C LEU B 191 17.14 -33.83 18.72
N GLY B 192 16.58 -33.56 17.55
CA GLY B 192 16.12 -34.63 16.68
C GLY B 192 17.21 -35.27 15.84
N ASP B 193 18.32 -34.56 15.64
CA ASP B 193 19.44 -35.13 14.90
C ASP B 193 20.21 -36.14 15.73
N THR B 194 20.33 -35.89 17.04
CA THR B 194 21.15 -36.73 17.91
C THR B 194 20.37 -37.85 18.56
N ILE B 195 19.04 -37.75 18.63
CA ILE B 195 18.18 -38.74 19.28
C ILE B 195 17.12 -39.28 18.33
N GLY B 196 16.43 -38.38 17.62
CA GLY B 196 15.39 -38.78 16.69
C GLY B 196 14.20 -37.86 16.67
N ARG B 197 13.69 -37.52 15.49
CA ARG B 197 12.61 -36.56 15.37
C ARG B 197 11.28 -37.13 15.83
N LYS B 198 11.00 -38.40 15.53
CA LYS B 198 9.74 -38.98 15.98
C LYS B 198 9.73 -39.16 17.49
N ARG B 199 10.85 -39.63 18.05
CA ARG B 199 10.95 -39.73 19.51
C ARG B 199 10.89 -38.35 20.14
N THR B 200 11.58 -37.37 19.55
CA THR B 200 11.59 -36.03 20.11
C THR B 200 10.19 -35.43 20.13
N PHE B 201 9.43 -35.64 19.06
CA PHE B 201 8.08 -35.11 18.99
C PHE B 201 7.20 -35.72 20.07
N ILE B 202 7.30 -37.04 20.28
CA ILE B 202 6.44 -37.71 21.25
C ILE B 202 6.80 -37.31 22.67
N VAL B 203 8.11 -37.23 22.97
CA VAL B 203 8.53 -36.88 24.32
C VAL B 203 8.08 -35.47 24.67
N GLY B 204 8.24 -34.53 23.74
CA GLY B 204 7.85 -33.16 24.01
C GLY B 204 6.35 -33.02 24.27
N VAL B 205 5.55 -33.72 23.49
CA VAL B 205 4.10 -33.67 23.69
C VAL B 205 3.73 -34.31 25.03
N ALA B 206 4.37 -35.42 25.37
CA ALA B 206 4.05 -36.12 26.62
C ALA B 206 4.37 -35.25 27.83
N LEU B 207 5.53 -34.57 27.81
CA LEU B 207 5.87 -33.68 28.91
C LEU B 207 4.90 -32.52 28.99
N PHE B 208 4.47 -31.99 27.83
CA PHE B 208 3.46 -30.94 27.83
C PHE B 208 2.15 -31.44 28.40
N THR B 209 1.73 -32.65 28.03
CA THR B 209 0.48 -33.19 28.54
C THR B 209 0.54 -33.43 30.05
N ILE B 210 1.64 -34.00 30.54
CA ILE B 210 1.77 -34.26 31.97
C ILE B 210 1.76 -32.95 32.75
N SER B 211 2.49 -31.94 32.26
CA SER B 211 2.57 -30.67 32.96
C SER B 211 1.21 -29.99 33.06
N SER B 212 0.32 -30.25 32.11
CA SER B 212 -1.00 -29.63 32.15
C SER B 212 -1.83 -30.18 33.31
N VAL B 213 -1.70 -31.48 33.59
CA VAL B 213 -2.40 -32.06 34.74
C VAL B 213 -1.89 -31.47 36.04
N LEU B 214 -0.56 -31.34 36.16
CA LEU B 214 0.02 -30.78 37.38
C LEU B 214 -0.39 -29.32 37.55
N CYS B 215 -0.47 -28.58 36.46
CA CYS B 215 -0.90 -27.18 36.55
C CYS B 215 -2.35 -27.07 37.00
N ALA B 216 -3.17 -28.07 36.70
CA ALA B 216 -4.58 -28.03 37.08
C ALA B 216 -4.81 -28.32 38.55
N VAL B 217 -3.81 -28.87 39.25
CA VAL B 217 -3.93 -29.19 40.67
C VAL B 217 -2.85 -28.45 41.46
N ALA B 218 -2.44 -27.29 40.97
CA ALA B 218 -1.45 -26.50 41.68
C ALA B 218 -2.00 -26.03 43.01
N TRP B 219 -1.25 -26.29 44.09
CA TRP B 219 -1.74 -25.99 45.42
C TRP B 219 -1.72 -24.49 45.67
N ASP B 220 -0.61 -23.83 45.32
CA ASP B 220 -0.42 -22.42 45.58
C ASP B 220 0.33 -21.83 44.38
N GLU B 221 0.82 -20.60 44.54
CA GLU B 221 1.56 -19.95 43.47
C GLU B 221 2.83 -20.72 43.13
N ALA B 222 3.53 -21.24 44.15
CA ALA B 222 4.80 -21.92 43.90
C ALA B 222 4.62 -23.13 43.01
N THR B 223 3.64 -23.98 43.31
CA THR B 223 3.39 -25.15 42.48
C THR B 223 3.02 -24.76 41.05
N LEU B 224 2.31 -23.65 40.89
CA LEU B 224 1.84 -23.25 39.57
C LEU B 224 3.00 -22.82 38.68
N VAL B 225 4.00 -22.15 39.25
CA VAL B 225 5.10 -21.64 38.45
C VAL B 225 5.98 -22.78 37.93
N ILE B 226 6.23 -23.79 38.77
CA ILE B 226 6.97 -24.96 38.30
C ILE B 226 6.17 -25.66 37.23
N ALA B 227 4.85 -25.67 37.35
CA ALA B 227 4.02 -26.32 36.33
C ALA B 227 4.13 -25.59 35.00
N ARG B 228 4.08 -24.26 35.02
CA ARG B 228 4.18 -23.50 33.77
C ARG B 228 5.58 -23.59 33.16
N LEU B 229 6.61 -23.72 34.00
CA LEU B 229 7.96 -23.90 33.46
C LEU B 229 8.07 -25.19 32.67
N SER B 230 7.50 -26.28 33.19
CA SER B 230 7.62 -27.57 32.53
C SER B 230 6.85 -27.62 31.22
N GLN B 231 5.75 -26.87 31.11
CA GLN B 231 5.04 -26.79 29.83
C GLN B 231 5.89 -26.11 28.78
N GLY B 232 6.63 -25.06 29.16
CA GLY B 232 7.51 -24.39 28.22
C GLY B 232 8.65 -25.27 27.75
N VAL B 233 9.17 -26.12 28.64
CA VAL B 233 10.25 -27.03 28.25
C VAL B 233 9.74 -28.05 27.23
N GLY B 234 8.57 -28.63 27.48
CA GLY B 234 8.03 -29.59 26.54
C GLY B 234 7.67 -28.95 25.20
N SER B 235 7.11 -27.74 25.25
CA SER B 235 6.77 -27.03 24.02
C SER B 235 8.01 -26.61 23.25
N ALA B 236 9.09 -26.27 23.96
CA ALA B 236 10.32 -25.90 23.29
C ALA B 236 10.92 -27.05 22.50
N ILE B 237 10.64 -28.29 22.92
CA ILE B 237 11.21 -29.46 22.26
C ILE B 237 10.36 -29.86 21.06
N ALA B 238 9.04 -29.90 21.21
CA ALA B 238 8.15 -30.42 20.18
C ALA B 238 7.81 -29.40 19.09
N SER B 239 7.84 -28.10 19.40
CA SER B 239 7.48 -27.13 18.37
C SER B 239 8.46 -27.13 17.21
N PRO B 240 9.78 -27.01 17.41
CA PRO B 240 10.69 -27.05 16.25
C PRO B 240 10.65 -28.37 15.51
N THR B 241 10.43 -29.48 16.22
CA THR B 241 10.38 -30.78 15.58
C THR B 241 9.15 -30.93 14.71
N GLY B 242 8.05 -30.25 15.05
CA GLY B 242 6.85 -30.35 14.25
C GLY B 242 7.02 -29.76 12.86
N LEU B 243 7.69 -28.61 12.77
CA LEU B 243 7.92 -27.99 11.46
C LEU B 243 9.02 -28.69 10.68
N ALA B 244 9.98 -29.32 11.38
CA ALA B 244 10.98 -30.11 10.68
C ALA B 244 10.40 -31.40 10.12
N LEU B 245 9.42 -31.97 10.81
CA LEU B 245 8.79 -33.19 10.32
C LEU B 245 8.01 -32.94 9.04
N VAL B 246 7.55 -31.71 8.81
CA VAL B 246 6.85 -31.39 7.57
C VAL B 246 7.79 -31.54 6.38
N ALA B 247 9.02 -31.04 6.51
CA ALA B 247 9.96 -31.09 5.40
C ALA B 247 10.46 -32.50 5.15
N THR B 248 10.71 -33.26 6.21
CA THR B 248 11.35 -34.56 6.09
C THR B 248 10.37 -35.72 5.90
N THR B 249 9.07 -35.51 6.16
CA THR B 249 8.10 -36.58 6.04
C THR B 249 7.46 -36.64 4.65
N PHE B 250 7.16 -35.48 4.07
CA PHE B 250 6.47 -35.40 2.79
C PHE B 250 7.43 -34.86 1.73
N ARG B 251 7.55 -35.59 0.63
CA ARG B 251 8.44 -35.19 -0.44
C ARG B 251 7.90 -33.93 -1.14
N LYS B 252 8.83 -33.11 -1.62
CA LYS B 252 8.44 -31.87 -2.27
C LYS B 252 7.53 -32.14 -3.46
N GLY B 253 6.42 -31.40 -3.53
CA GLY B 253 5.38 -31.66 -4.49
C GLY B 253 4.01 -31.44 -3.88
N PRO B 254 2.97 -32.06 -4.45
CA PRO B 254 1.62 -31.86 -3.87
C PRO B 254 1.51 -32.35 -2.44
N ALA B 255 2.31 -33.34 -2.04
CA ALA B 255 2.24 -33.83 -0.66
C ALA B 255 2.68 -32.77 0.33
N ARG B 256 3.81 -32.11 0.05
CA ARG B 256 4.32 -31.10 0.98
C ARG B 256 3.44 -29.86 0.99
N ASN B 257 2.74 -29.57 -0.11
CA ASN B 257 1.86 -28.41 -0.15
C ASN B 257 0.58 -28.64 0.64
N ALA B 258 0.04 -29.86 0.59
CA ALA B 258 -1.15 -30.17 1.38
C ALA B 258 -0.82 -30.22 2.88
N ALA B 259 0.35 -30.78 3.22
CA ALA B 259 0.76 -30.82 4.62
C ALA B 259 1.00 -29.43 5.17
N THR B 260 1.56 -28.53 4.36
CA THR B 260 1.81 -27.16 4.82
C THR B 260 0.51 -26.45 5.15
N ALA B 261 -0.54 -26.67 4.36
CA ALA B 261 -1.81 -26.02 4.63
C ALA B 261 -2.40 -26.48 5.95
N VAL B 262 -2.31 -27.79 6.24
CA VAL B 262 -2.87 -28.31 7.47
C VAL B 262 -2.07 -27.82 8.67
N PHE B 263 -0.75 -27.72 8.53
CA PHE B 263 0.08 -27.26 9.63
C PHE B 263 -0.29 -25.83 10.03
N ALA B 264 -0.50 -24.96 9.05
CA ALA B 264 -0.94 -23.60 9.34
C ALA B 264 -2.44 -23.52 9.63
N ALA B 265 -3.22 -24.50 9.19
CA ALA B 265 -4.65 -24.46 9.44
C ALA B 265 -4.97 -24.65 10.91
N MET B 266 -4.30 -25.59 11.57
CA MET B 266 -4.63 -25.95 12.94
C MET B 266 -4.13 -24.93 13.96
N THR B 267 -3.23 -24.03 13.56
CA THR B 267 -2.83 -22.96 14.48
C THR B 267 -3.98 -21.99 14.70
N ALA B 268 -4.77 -21.73 13.66
CA ALA B 268 -5.94 -20.87 13.81
C ALA B 268 -7.09 -21.59 14.50
N ILE B 269 -7.23 -22.90 14.29
CA ILE B 269 -8.29 -23.66 14.96
C ILE B 269 -8.07 -23.65 16.46
N GLY B 270 -6.83 -23.84 16.90
CA GLY B 270 -6.56 -23.81 18.33
C GLY B 270 -6.78 -22.45 18.95
N SER B 271 -6.43 -21.39 18.22
CA SER B 271 -6.59 -20.04 18.75
C SER B 271 -8.06 -19.70 18.97
N VAL B 272 -8.92 -20.00 18.00
CA VAL B 272 -10.34 -19.71 18.13
C VAL B 272 -10.98 -20.63 19.16
N MET B 273 -10.64 -21.92 19.14
CA MET B 273 -11.21 -22.85 20.09
C MET B 273 -10.75 -22.58 21.52
N GLY B 274 -9.61 -21.92 21.69
CA GLY B 274 -9.19 -21.52 23.02
C GLY B 274 -10.13 -20.49 23.64
N LEU B 275 -10.68 -19.59 22.81
CA LEU B 275 -11.70 -18.66 23.31
C LEU B 275 -12.96 -19.39 23.70
N VAL B 276 -13.44 -20.28 22.83
CA VAL B 276 -14.73 -20.94 23.08
C VAL B 276 -14.66 -21.79 24.33
N VAL B 277 -13.60 -22.59 24.46
CA VAL B 277 -13.41 -23.36 25.68
C VAL B 277 -13.07 -22.43 26.85
N GLY B 278 -12.25 -21.41 26.60
CA GLY B 278 -11.93 -20.47 27.65
C GLY B 278 -13.11 -19.61 28.08
N GLY B 279 -14.08 -19.42 27.19
CA GLY B 279 -15.29 -18.68 27.52
C GLY B 279 -16.48 -19.51 27.92
N ALA B 280 -16.46 -20.82 27.69
CA ALA B 280 -17.62 -21.66 27.95
C ALA B 280 -17.61 -22.24 29.36
N LEU B 281 -16.56 -22.98 29.72
CA LEU B 281 -16.46 -23.61 31.03
C LEU B 281 -15.65 -22.80 32.03
N THR B 282 -15.42 -21.51 31.74
CA THR B 282 -14.77 -20.65 32.72
C THR B 282 -15.72 -20.45 33.90
N GLU B 283 -17.03 -20.39 33.64
CA GLU B 283 -17.98 -20.01 34.68
C GLU B 283 -18.02 -20.97 35.85
N VAL B 284 -17.48 -22.18 35.70
CA VAL B 284 -17.51 -23.19 36.76
C VAL B 284 -16.19 -23.26 37.52
N SER B 285 -15.07 -23.30 36.81
CA SER B 285 -13.76 -23.39 37.46
C SER B 285 -12.68 -23.26 36.41
N TRP B 286 -11.53 -22.70 36.83
CA TRP B 286 -10.39 -22.58 35.93
C TRP B 286 -9.54 -23.85 35.88
N ARG B 287 -9.76 -24.79 36.79
CA ARG B 287 -8.99 -26.03 36.76
C ARG B 287 -9.46 -26.96 35.65
N TRP B 288 -10.75 -26.96 35.32
CA TRP B 288 -11.23 -27.77 34.20
C TRP B 288 -10.71 -27.25 32.86
N ALA B 289 -10.23 -26.01 32.80
CA ALA B 289 -9.75 -25.46 31.54
C ALA B 289 -8.39 -26.01 31.15
N PHE B 290 -7.53 -26.32 32.13
CA PHE B 290 -6.22 -26.88 31.83
C PHE B 290 -6.27 -28.38 31.57
N LEU B 291 -7.36 -29.05 31.94
CA LEU B 291 -7.48 -30.48 31.69
C LEU B 291 -8.00 -30.80 30.30
N VAL B 292 -8.48 -29.80 29.56
CA VAL B 292 -8.95 -30.06 28.20
C VAL B 292 -7.80 -30.47 27.31
N ASN B 293 -6.57 -30.08 27.65
CA ASN B 293 -5.41 -30.49 26.86
C ASN B 293 -5.17 -31.99 26.95
N VAL B 294 -5.59 -32.62 28.06
CA VAL B 294 -5.25 -34.02 28.28
C VAL B 294 -5.87 -34.94 27.23
N PRO B 295 -7.18 -34.89 26.96
CA PRO B 295 -7.71 -35.73 25.87
C PRO B 295 -7.09 -35.43 24.51
N ILE B 296 -6.80 -34.15 24.22
CA ILE B 296 -6.26 -33.80 22.93
C ILE B 296 -4.82 -34.28 22.81
N GLY B 297 -4.02 -34.08 23.86
CA GLY B 297 -2.62 -34.50 23.81
C GLY B 297 -2.48 -36.00 23.66
N LEU B 298 -3.38 -36.77 24.28
CA LEU B 298 -3.32 -38.22 24.17
C LEU B 298 -3.59 -38.67 22.74
N VAL B 299 -4.52 -38.01 22.05
CA VAL B 299 -4.85 -38.41 20.70
C VAL B 299 -3.68 -38.13 19.75
N MET B 300 -2.96 -37.02 19.98
CA MET B 300 -1.85 -36.68 19.10
C MET B 300 -0.66 -37.61 19.30
N ILE B 301 -0.48 -38.15 20.51
CA ILE B 301 0.57 -39.14 20.73
C ILE B 301 0.22 -40.45 20.05
N TYR B 302 -1.06 -40.85 20.13
CA TYR B 302 -1.47 -42.10 19.49
C TYR B 302 -1.35 -42.00 17.97
N LEU B 303 -1.78 -40.89 17.39
CA LEU B 303 -1.68 -40.73 15.94
C LEU B 303 -0.22 -40.72 15.49
N ALA B 304 0.64 -39.99 16.20
CA ALA B 304 2.04 -39.91 15.81
C ALA B 304 2.75 -41.25 15.95
N ARG B 305 2.30 -42.09 16.88
CA ARG B 305 2.96 -43.37 17.09
C ARG B 305 2.72 -44.33 15.92
N THR B 306 1.48 -44.39 15.44
CA THR B 306 1.07 -45.36 14.43
C THR B 306 1.05 -44.80 13.01
N ALA B 307 1.44 -43.53 12.82
CA ALA B 307 1.42 -42.91 11.50
C ALA B 307 2.77 -42.40 11.03
N LEU B 308 3.69 -42.09 11.94
CA LEU B 308 5.02 -41.60 11.60
C LEU B 308 6.03 -42.73 11.73
N ARG B 309 7.11 -42.63 10.97
CA ARG B 309 8.13 -43.67 10.89
C ARG B 309 9.45 -43.12 11.43
N GLU B 310 10.23 -44.01 12.05
CA GLU B 310 11.57 -43.64 12.47
C GLU B 310 12.53 -43.69 11.29
N THR B 311 13.27 -42.61 11.07
CA THR B 311 14.30 -42.62 10.04
C THR B 311 15.49 -43.44 10.52
N ASN B 312 16.01 -44.28 9.63
CA ASN B 312 17.12 -45.18 9.96
C ASN B 312 18.42 -44.53 9.47
N LYS B 313 18.97 -43.67 10.31
CA LYS B 313 20.17 -42.91 10.00
C LYS B 313 20.98 -42.67 11.27
N GLU B 314 22.30 -42.60 11.12
CA GLU B 314 23.18 -42.48 12.27
C GLU B 314 23.02 -41.12 12.94
N ARG B 315 23.15 -41.11 14.27
CA ARG B 315 22.97 -39.91 15.04
C ARG B 315 24.21 -39.02 14.97
N MET B 316 24.00 -37.73 15.23
CA MET B 316 25.05 -36.72 15.23
C MET B 316 25.25 -36.23 16.66
N LYS B 317 26.50 -36.19 17.10
CA LYS B 317 26.79 -35.76 18.47
C LYS B 317 26.39 -34.31 18.67
N LEU B 318 25.74 -34.04 19.80
CA LEU B 318 25.21 -32.74 20.11
C LEU B 318 26.35 -31.79 20.45
N ASP B 319 26.22 -30.54 20.03
CA ASP B 319 27.22 -29.52 20.32
C ASP B 319 26.99 -29.01 21.74
N ALA B 320 27.87 -29.41 22.66
CA ALA B 320 27.65 -29.10 24.07
C ALA B 320 27.79 -27.61 24.35
N THR B 321 28.96 -27.05 24.06
CA THR B 321 29.21 -25.65 24.38
C THR B 321 28.29 -24.73 23.60
N GLY B 322 28.02 -25.06 22.33
CA GLY B 322 27.10 -24.25 21.54
C GLY B 322 25.67 -24.31 22.06
N ALA B 323 25.24 -25.49 22.50
CA ALA B 323 23.87 -25.63 23.01
C ALA B 323 23.71 -24.95 24.37
N ILE B 324 24.74 -25.02 25.22
CA ILE B 324 24.62 -24.44 26.55
C ILE B 324 24.57 -22.92 26.49
N LEU B 325 25.47 -22.30 25.72
CA LEU B 325 25.51 -20.85 25.68
C LEU B 325 24.28 -20.26 25.03
N ALA B 326 23.71 -20.95 24.03
CA ALA B 326 22.49 -20.46 23.40
C ALA B 326 21.34 -20.42 24.40
N THR B 327 21.21 -21.46 25.23
CA THR B 327 20.17 -21.47 26.25
C THR B 327 20.39 -20.35 27.27
N LEU B 328 21.63 -20.18 27.73
CA LEU B 328 21.92 -19.11 28.69
C LEU B 328 21.72 -17.74 28.07
N ALA B 329 22.16 -17.56 26.82
CA ALA B 329 22.03 -16.25 26.18
C ALA B 329 20.57 -15.88 25.96
N CYS B 330 19.76 -16.84 25.51
CA CYS B 330 18.36 -16.54 25.22
C CYS B 330 17.55 -16.37 26.50
N THR B 331 17.76 -17.27 27.48
CA THR B 331 16.94 -17.23 28.69
C THR B 331 17.17 -15.95 29.46
N ALA B 332 18.42 -15.50 29.57
CA ALA B 332 18.69 -14.28 30.31
C ALA B 332 18.02 -13.07 29.67
N ALA B 333 18.06 -13.01 28.33
CA ALA B 333 17.43 -11.90 27.63
C ALA B 333 15.92 -11.86 27.87
N VAL B 334 15.27 -13.03 27.77
CA VAL B 334 13.83 -13.09 28.00
C VAL B 334 13.51 -12.66 29.43
N PHE B 335 14.33 -13.08 30.39
CA PHE B 335 14.14 -12.67 31.78
C PHE B 335 14.26 -11.16 31.92
N ALA B 336 15.29 -10.57 31.31
CA ALA B 336 15.54 -9.14 31.47
C ALA B 336 14.39 -8.30 30.92
N PHE B 337 13.91 -8.64 29.72
CA PHE B 337 12.81 -7.89 29.13
C PHE B 337 11.54 -8.02 29.96
N SER B 338 11.30 -9.20 30.51
CA SER B 338 10.07 -9.44 31.26
C SER B 338 10.09 -8.70 32.59
N ILE B 339 11.21 -8.76 33.33
CA ILE B 339 11.29 -8.12 34.63
C ILE B 339 11.58 -6.62 34.55
N GLY B 340 11.95 -6.13 33.37
CA GLY B 340 12.30 -4.73 33.22
C GLY B 340 11.21 -3.77 33.62
N PRO B 341 10.01 -3.94 33.05
CA PRO B 341 8.90 -3.06 33.44
C PRO B 341 8.57 -3.11 34.92
N GLU B 342 8.71 -4.28 35.56
CA GLU B 342 8.40 -4.40 36.98
C GLU B 342 9.35 -3.57 37.82
N LYS B 343 10.66 -3.74 37.61
CA LYS B 343 11.68 -3.04 38.37
C LYS B 343 12.17 -1.76 37.72
N GLY B 344 11.72 -1.46 36.50
CA GLY B 344 12.21 -0.30 35.77
C GLY B 344 13.37 -0.66 34.85
N TRP B 345 13.44 0.06 33.73
CA TRP B 345 14.41 -0.26 32.69
C TRP B 345 15.85 0.03 33.10
N MET B 346 16.05 0.77 34.19
CA MET B 346 17.39 1.05 34.70
C MET B 346 17.51 0.67 36.17
N SER B 347 16.78 -0.36 36.58
CA SER B 347 16.81 -0.77 37.99
C SER B 347 18.20 -1.21 38.42
N GLY B 348 18.87 -1.99 37.57
CA GLY B 348 20.16 -2.56 37.88
C GLY B 348 20.18 -4.04 37.62
N ILE B 349 19.07 -4.71 37.92
CA ILE B 349 18.89 -6.10 37.53
C ILE B 349 18.40 -6.22 36.09
N THR B 350 17.73 -5.19 35.57
CA THR B 350 17.31 -5.19 34.18
C THR B 350 18.52 -5.14 33.25
N ILE B 351 19.32 -4.08 33.36
CA ILE B 351 20.55 -4.00 32.58
C ILE B 351 21.64 -4.90 33.15
N GLY B 352 21.54 -5.30 34.42
CA GLY B 352 22.47 -6.28 34.95
C GLY B 352 22.31 -7.64 34.30
N SER B 353 21.06 -8.08 34.10
CA SER B 353 20.82 -9.34 33.40
C SER B 353 21.08 -9.20 31.91
N GLY B 354 20.85 -8.02 31.34
CA GLY B 354 21.18 -7.79 29.95
C GLY B 354 22.67 -7.92 29.68
N LEU B 355 23.50 -7.57 30.66
CA LEU B 355 24.94 -7.78 30.52
C LEU B 355 25.27 -9.25 30.36
N VAL B 356 24.64 -10.11 31.15
CA VAL B 356 24.86 -11.55 31.03
C VAL B 356 24.39 -12.05 29.67
N ALA B 357 23.26 -11.53 29.20
CA ALA B 357 22.77 -11.92 27.88
C ALA B 357 23.74 -11.50 26.79
N LEU B 358 24.29 -10.29 26.89
CA LEU B 358 25.27 -9.84 25.90
C LEU B 358 26.54 -10.67 25.96
N ALA B 359 27.05 -10.93 27.17
CA ALA B 359 28.28 -11.70 27.29
C ALA B 359 28.11 -13.13 26.79
N ALA B 360 26.96 -13.73 27.08
CA ALA B 360 26.70 -15.09 26.60
C ALA B 360 26.62 -15.13 25.08
N ALA B 361 25.93 -14.15 24.48
CA ALA B 361 25.79 -14.15 23.03
C ALA B 361 27.13 -14.00 22.33
N VAL B 362 28.00 -13.13 22.86
CA VAL B 362 29.31 -12.93 22.25
C VAL B 362 30.13 -14.22 22.30
N ALA B 363 30.09 -14.91 23.44
CA ALA B 363 30.82 -16.17 23.55
C ALA B 363 30.21 -17.25 22.66
N PHE B 364 28.88 -17.23 22.49
CA PHE B 364 28.23 -18.21 21.63
C PHE B 364 28.69 -18.07 20.19
N VAL B 365 28.79 -16.85 19.69
CA VAL B 365 29.17 -16.64 18.30
C VAL B 365 30.61 -17.06 18.06
N ILE B 366 31.49 -16.80 19.03
CA ILE B 366 32.90 -17.11 18.86
C ILE B 366 33.12 -18.62 18.77
N VAL B 367 32.52 -19.38 19.69
CA VAL B 367 32.69 -20.83 19.64
C VAL B 367 31.98 -21.42 18.44
N GLU B 368 30.94 -20.73 17.94
CA GLU B 368 30.19 -21.24 16.79
C GLU B 368 31.03 -21.33 15.53
N ARG B 369 32.14 -20.59 15.44
CA ARG B 369 32.96 -20.63 14.24
C ARG B 369 33.56 -22.02 14.02
N THR B 370 34.13 -22.60 15.07
CA THR B 370 34.80 -23.90 14.99
C THR B 370 33.92 -25.02 15.52
N ALA B 371 32.61 -24.91 15.30
CA ALA B 371 31.64 -25.86 15.83
C ALA B 371 31.35 -26.94 14.81
N GLU B 372 31.19 -28.18 15.30
CA GLU B 372 30.78 -29.31 14.48
C GLU B 372 29.31 -29.60 14.72
N ASN B 373 28.56 -29.75 13.63
CA ASN B 373 27.11 -29.92 13.72
C ASN B 373 26.53 -28.69 14.41
N PRO B 374 26.73 -27.50 13.85
CA PRO B 374 26.48 -26.27 14.62
C PRO B 374 25.02 -26.10 14.99
N VAL B 375 24.80 -25.42 16.12
CA VAL B 375 23.44 -25.11 16.55
C VAL B 375 22.79 -24.10 15.61
N VAL B 376 23.54 -23.06 15.25
CA VAL B 376 23.08 -22.02 14.34
C VAL B 376 24.09 -21.90 13.21
N PRO B 377 23.81 -22.50 12.03
CA PRO B 377 24.76 -22.34 10.91
C PRO B 377 24.69 -20.97 10.27
N PHE B 378 25.44 -20.02 10.82
CA PHE B 378 25.45 -18.65 10.28
C PHE B 378 25.80 -18.62 8.80
N HIS B 379 26.67 -19.54 8.36
CA HIS B 379 27.09 -19.53 6.95
C HIS B 379 25.91 -19.76 6.01
N LEU B 380 24.88 -20.47 6.49
CA LEU B 380 23.72 -20.76 5.65
C LEU B 380 22.87 -19.53 5.37
N PHE B 381 23.10 -18.42 6.08
CA PHE B 381 22.39 -17.16 5.88
C PHE B 381 23.36 -16.16 5.25
N ARG B 382 23.25 -15.98 3.94
CA ARG B 382 24.11 -15.11 3.16
C ARG B 382 23.26 -14.00 2.51
N ASP B 383 23.87 -13.26 1.59
CA ASP B 383 23.18 -12.18 0.89
C ASP B 383 22.06 -12.64 -0.02
N ARG B 384 21.77 -13.94 -0.10
CA ARG B 384 20.74 -14.43 -0.99
C ARG B 384 19.37 -14.16 -0.37
N ASN B 385 18.34 -14.78 -0.93
CA ASN B 385 16.95 -14.50 -0.54
C ASN B 385 16.48 -15.36 0.62
N ARG B 386 17.40 -15.96 1.40
CA ARG B 386 16.99 -16.58 2.65
C ARG B 386 16.78 -15.53 3.72
N LEU B 387 17.62 -14.49 3.75
CA LEU B 387 17.44 -13.41 4.71
C LEU B 387 16.16 -12.62 4.44
N VAL B 388 15.86 -12.37 3.17
CA VAL B 388 14.63 -11.66 2.84
C VAL B 388 13.43 -12.46 3.28
N THR B 389 13.44 -13.77 3.06
CA THR B 389 12.34 -14.62 3.49
C THR B 389 12.22 -14.62 5.01
N PHE B 390 13.35 -14.79 5.71
CA PHE B 390 13.33 -14.85 7.17
C PHE B 390 13.14 -13.49 7.81
N SER B 391 13.42 -12.40 7.09
CA SER B 391 13.05 -11.08 7.59
C SER B 391 11.55 -10.86 7.51
N ALA B 392 10.90 -11.43 6.49
CA ALA B 392 9.46 -11.26 6.34
C ALA B 392 8.70 -11.98 7.44
N ILE B 393 9.11 -13.20 7.80
CA ILE B 393 8.36 -13.96 8.78
C ILE B 393 8.43 -13.29 10.15
N LEU B 394 9.56 -12.68 10.48
CA LEU B 394 9.66 -11.96 11.75
C LEU B 394 8.67 -10.82 11.79
N LEU B 395 8.66 -9.97 10.76
CA LEU B 395 7.77 -8.82 10.76
C LEU B 395 6.33 -9.23 10.44
N ALA B 396 6.14 -10.24 9.61
CA ALA B 396 4.79 -10.73 9.34
C ALA B 396 4.16 -11.31 10.60
N GLY B 397 4.95 -12.04 11.39
CA GLY B 397 4.43 -12.57 12.65
C GLY B 397 4.01 -11.47 13.60
N GLY B 398 4.73 -10.35 13.59
CA GLY B 398 4.32 -9.21 14.40
C GLY B 398 2.99 -8.64 13.97
N VAL B 399 2.78 -8.50 12.66
CA VAL B 399 1.51 -8.01 12.16
C VAL B 399 0.39 -8.99 12.50
N MET B 400 0.63 -10.28 12.29
CA MET B 400 -0.39 -11.29 12.61
C MET B 400 -0.69 -11.31 14.10
N PHE B 401 0.35 -11.22 14.94
CA PHE B 401 0.16 -11.30 16.38
C PHE B 401 -0.56 -10.07 16.92
N SER B 402 -0.09 -8.87 16.55
CA SER B 402 -0.69 -7.66 17.07
C SER B 402 -2.10 -7.44 16.54
N LEU B 403 -2.42 -7.98 15.36
CA LEU B 403 -3.77 -7.93 14.85
C LEU B 403 -4.71 -8.81 15.66
N THR B 404 -4.20 -9.95 16.15
CA THR B 404 -5.00 -10.88 16.94
C THR B 404 -5.23 -10.37 18.36
N VAL B 405 -4.23 -9.74 18.96
CA VAL B 405 -4.36 -9.28 20.34
C VAL B 405 -5.23 -8.03 20.40
N CYS B 406 -5.11 -7.13 19.41
CA CYS B 406 -5.87 -5.89 19.44
C CYS B 406 -7.34 -6.14 19.12
N ILE B 407 -7.62 -7.03 18.17
CA ILE B 407 -9.00 -7.28 17.76
C ILE B 407 -9.77 -7.98 18.88
N GLY B 408 -9.10 -8.89 19.59
CA GLY B 408 -9.76 -9.56 20.69
C GLY B 408 -10.14 -8.61 21.81
N LEU B 409 -9.24 -7.68 22.14
CA LEU B 409 -9.53 -6.70 23.18
C LEU B 409 -10.65 -5.76 22.75
N TYR B 410 -10.66 -5.34 21.49
CA TYR B 410 -11.68 -4.41 21.02
C TYR B 410 -13.08 -5.05 21.09
N VAL B 411 -13.20 -6.30 20.65
CA VAL B 411 -14.51 -6.95 20.65
C VAL B 411 -15.01 -7.17 22.07
N GLN B 412 -14.10 -7.52 22.99
CA GLN B 412 -14.51 -7.76 24.37
C GLN B 412 -14.84 -6.47 25.10
N ASP B 413 -13.99 -5.45 24.96
CA ASP B 413 -14.14 -4.24 25.74
C ASP B 413 -15.15 -3.27 25.13
N ILE B 414 -14.98 -2.95 23.85
CA ILE B 414 -15.82 -1.93 23.23
C ILE B 414 -17.20 -2.49 22.90
N LEU B 415 -17.24 -3.59 22.15
CA LEU B 415 -18.51 -4.15 21.73
C LEU B 415 -19.18 -5.01 22.79
N GLY B 416 -18.47 -5.36 23.86
CA GLY B 416 -19.07 -6.11 24.95
C GLY B 416 -19.57 -7.48 24.56
N TYR B 417 -18.74 -8.24 23.84
CA TYR B 417 -19.18 -9.54 23.33
C TYR B 417 -19.08 -10.64 24.38
N SER B 418 -18.03 -10.61 25.21
CA SER B 418 -17.69 -11.64 26.19
C SER B 418 -16.89 -12.75 25.53
N ALA B 419 -16.24 -13.60 26.34
CA ALA B 419 -15.29 -14.56 25.79
C ALA B 419 -15.99 -15.62 24.94
N LEU B 420 -17.12 -16.15 25.42
CA LEU B 420 -17.79 -17.22 24.68
C LEU B 420 -18.30 -16.72 23.34
N ARG B 421 -18.96 -15.57 23.34
CA ARG B 421 -19.58 -15.09 22.12
C ARG B 421 -18.53 -14.62 21.11
N ALA B 422 -17.43 -14.05 21.59
CA ALA B 422 -16.34 -13.67 20.70
C ALA B 422 -15.73 -14.89 20.01
N GLY B 423 -15.57 -15.99 20.75
CA GLY B 423 -15.03 -17.20 20.14
C GLY B 423 -15.95 -17.79 19.09
N VAL B 424 -17.26 -17.78 19.35
CA VAL B 424 -18.21 -18.29 18.37
C VAL B 424 -18.34 -17.31 17.20
N GLY B 425 -18.08 -16.03 17.44
CA GLY B 425 -18.13 -15.05 16.36
C GLY B 425 -16.92 -15.03 15.46
N PHE B 426 -15.82 -15.69 15.87
CA PHE B 426 -14.64 -15.82 15.04
C PHE B 426 -14.58 -17.15 14.30
N ILE B 427 -15.61 -17.99 14.39
CA ILE B 427 -15.64 -19.22 13.61
C ILE B 427 -15.58 -18.93 12.12
N PRO B 428 -16.28 -17.92 11.57
CA PRO B 428 -16.14 -17.63 10.13
C PRO B 428 -14.71 -17.35 9.70
N PHE B 429 -13.86 -16.83 10.60
CA PHE B 429 -12.47 -16.61 10.24
C PHE B 429 -11.78 -17.92 9.89
N VAL B 430 -12.06 -18.99 10.63
CA VAL B 430 -11.42 -20.27 10.38
C VAL B 430 -11.86 -20.83 9.04
N ILE B 431 -13.15 -20.75 8.73
CA ILE B 431 -13.65 -21.25 7.45
C ILE B 431 -13.05 -20.43 6.31
N ALA B 432 -13.02 -19.10 6.46
CA ALA B 432 -12.36 -18.26 5.48
C ALA B 432 -10.87 -18.56 5.40
N MET B 433 -10.24 -18.82 6.55
CA MET B 433 -8.83 -19.19 6.56
C MET B 433 -8.60 -20.48 5.79
N GLY B 434 -9.46 -21.47 5.98
CA GLY B 434 -9.30 -22.75 5.30
C GLY B 434 -9.42 -22.61 3.79
N ILE B 435 -10.35 -21.77 3.32
CA ILE B 435 -10.52 -21.57 1.88
C ILE B 435 -9.26 -20.97 1.27
N GLY B 436 -8.69 -19.97 1.94
CA GLY B 436 -7.45 -19.39 1.43
C GLY B 436 -6.30 -20.38 1.41
N LEU B 437 -6.19 -21.20 2.46
CA LEU B 437 -5.13 -22.20 2.51
C LEU B 437 -5.30 -23.24 1.42
N GLY B 438 -6.53 -23.74 1.24
CA GLY B 438 -6.75 -24.76 0.24
C GLY B 438 -6.50 -24.28 -1.18
N VAL B 439 -6.95 -23.07 -1.49
CA VAL B 439 -6.74 -22.51 -2.82
C VAL B 439 -5.25 -22.31 -3.08
N SER B 440 -4.52 -21.81 -2.08
CA SER B 440 -3.10 -21.49 -2.26
C SER B 440 -2.28 -22.75 -2.49
N SER B 441 -2.67 -23.87 -1.88
CA SER B 441 -1.91 -25.10 -2.06
C SER B 441 -1.91 -25.56 -3.51
N GLN B 442 -3.04 -25.37 -4.21
CA GLN B 442 -3.10 -25.74 -5.62
C GLN B 442 -2.34 -24.75 -6.49
N LEU B 443 -2.47 -23.45 -6.19
CA LEU B 443 -1.86 -22.42 -7.02
C LEU B 443 -0.36 -22.31 -6.83
N VAL B 444 0.19 -22.87 -5.74
CA VAL B 444 1.61 -22.68 -5.46
C VAL B 444 2.50 -23.37 -6.48
N SER B 445 1.96 -24.32 -7.26
CA SER B 445 2.74 -25.04 -8.25
C SER B 445 2.76 -24.35 -9.61
N ARG B 446 2.08 -23.21 -9.77
CA ARG B 446 2.02 -22.53 -11.05
C ARG B 446 2.42 -21.07 -10.93
N PHE B 447 2.27 -20.48 -9.74
CA PHE B 447 2.61 -19.09 -9.48
C PHE B 447 3.69 -19.02 -8.41
N SER B 448 4.63 -18.11 -8.60
CA SER B 448 5.73 -17.96 -7.66
C SER B 448 5.20 -17.49 -6.31
N PRO B 449 5.93 -17.75 -5.22
CA PRO B 449 5.47 -17.26 -3.91
C PRO B 449 5.38 -15.76 -3.83
N ARG B 450 6.08 -15.02 -4.69
CA ARG B 450 6.05 -13.56 -4.62
C ARG B 450 4.65 -13.02 -4.90
N VAL B 451 4.01 -13.49 -5.97
CA VAL B 451 2.71 -12.95 -6.35
C VAL B 451 1.63 -13.42 -5.38
N LEU B 452 1.71 -14.67 -4.92
CA LEU B 452 0.71 -15.19 -4.00
C LEU B 452 0.74 -14.45 -2.67
N THR B 453 1.93 -14.13 -2.16
CA THR B 453 2.02 -13.36 -0.93
C THR B 453 1.45 -11.96 -1.13
N ILE B 454 1.77 -11.32 -2.26
CA ILE B 454 1.22 -9.99 -2.54
C ILE B 454 -0.28 -10.10 -2.80
N GLY B 455 -0.70 -11.11 -3.56
CA GLY B 455 -2.11 -11.24 -3.88
C GLY B 455 -2.98 -11.47 -2.65
N GLY B 456 -2.52 -12.32 -1.74
CA GLY B 456 -3.26 -12.56 -0.52
C GLY B 456 -3.31 -11.35 0.39
N GLY B 457 -2.18 -10.67 0.58
CA GLY B 457 -2.14 -9.51 1.46
C GLY B 457 -2.93 -8.33 0.93
N TYR B 458 -3.08 -8.24 -0.39
CA TYR B 458 -3.89 -7.17 -0.97
C TYR B 458 -5.34 -7.29 -0.49
N LEU B 459 -5.85 -8.50 -0.37
CA LEU B 459 -7.17 -8.69 0.21
C LEU B 459 -7.19 -8.28 1.68
N LEU B 460 -6.15 -8.67 2.44
CA LEU B 460 -6.08 -8.30 3.84
C LEU B 460 -5.99 -6.79 4.01
N PHE B 461 -5.22 -6.13 3.14
CA PHE B 461 -5.02 -4.69 3.25
C PHE B 461 -6.35 -3.94 3.11
N GLY B 462 -7.21 -4.40 2.19
CA GLY B 462 -8.52 -3.78 2.07
C GLY B 462 -9.41 -4.02 3.28
N ALA B 463 -9.30 -5.20 3.88
CA ALA B 463 -10.14 -5.51 5.04
C ALA B 463 -9.82 -4.60 6.22
N MET B 464 -8.53 -4.32 6.44
CA MET B 464 -8.16 -3.45 7.56
C MET B 464 -8.51 -2.00 7.28
N LEU B 465 -8.45 -1.57 6.03
CA LEU B 465 -8.87 -0.21 5.70
C LEU B 465 -10.36 -0.02 5.94
N TYR B 466 -11.17 -1.02 5.56
CA TYR B 466 -12.60 -0.91 5.80
C TYR B 466 -12.91 -0.83 7.29
N GLY B 467 -12.25 -1.66 8.10
CA GLY B 467 -12.48 -1.63 9.53
C GLY B 467 -12.05 -0.33 10.17
N SER B 468 -10.99 0.30 9.63
CA SER B 468 -10.50 1.54 10.21
C SER B 468 -11.45 2.70 10.01
N PHE B 469 -12.43 2.58 9.09
CA PHE B 469 -13.33 3.68 8.76
C PHE B 469 -14.78 3.46 9.19
N PHE B 470 -15.22 2.22 9.35
CA PHE B 470 -16.65 1.90 9.53
C PHE B 470 -16.86 0.90 10.66
N MET B 471 -16.18 1.11 11.79
CA MET B 471 -16.18 0.14 12.89
C MET B 471 -16.33 0.83 14.24
N HIS B 472 -17.33 1.70 14.36
CA HIS B 472 -17.61 2.33 15.64
C HIS B 472 -18.39 1.38 16.55
N ARG B 473 -18.70 1.84 17.76
CA ARG B 473 -19.41 1.02 18.73
C ARG B 473 -20.89 0.95 18.38
N GLY B 474 -21.47 -0.25 18.53
CA GLY B 474 -22.89 -0.45 18.33
C GLY B 474 -23.31 -0.88 16.95
N VAL B 475 -22.38 -1.14 16.04
CA VAL B 475 -22.73 -1.56 14.69
C VAL B 475 -23.24 -2.99 14.74
N PRO B 476 -24.05 -3.44 13.79
CA PRO B 476 -24.51 -4.83 13.81
C PRO B 476 -23.40 -5.80 13.44
N TYR B 477 -23.69 -7.09 13.64
CA TYR B 477 -22.69 -8.12 13.48
C TYR B 477 -22.55 -8.56 12.03
N PHE B 478 -23.65 -9.05 11.43
CA PHE B 478 -23.54 -9.75 10.16
C PHE B 478 -22.99 -8.89 9.03
N PRO B 479 -23.50 -7.69 8.76
CA PRO B 479 -22.94 -6.92 7.64
C PRO B 479 -21.56 -6.34 7.92
N ASN B 480 -21.36 -5.78 9.11
CA ASN B 480 -20.18 -4.96 9.38
C ASN B 480 -18.99 -5.78 9.87
N LEU B 481 -19.20 -6.66 10.85
CA LEU B 481 -18.09 -7.34 11.51
C LEU B 481 -17.68 -8.65 10.85
N VAL B 482 -18.56 -9.26 10.04
CA VAL B 482 -18.27 -10.56 9.47
C VAL B 482 -17.46 -10.45 8.19
N MET B 483 -17.91 -9.62 7.25
CA MET B 483 -17.28 -9.57 5.94
C MET B 483 -15.81 -9.17 6.00
N PRO B 484 -15.39 -8.12 6.71
CA PRO B 484 -13.95 -7.85 6.79
C PRO B 484 -13.14 -8.97 7.43
N ILE B 485 -13.74 -9.71 8.37
CA ILE B 485 -13.05 -10.84 8.97
C ILE B 485 -12.93 -11.97 7.95
N VAL B 486 -13.98 -12.20 7.15
CA VAL B 486 -13.93 -13.26 6.15
C VAL B 486 -12.94 -12.90 5.05
N VAL B 487 -12.98 -11.66 4.56
CA VAL B 487 -12.06 -11.25 3.51
C VAL B 487 -10.62 -11.29 4.01
N GLY B 488 -10.38 -10.84 5.24
CA GLY B 488 -9.04 -10.87 5.79
C GLY B 488 -8.52 -12.28 5.97
N GLY B 489 -9.40 -13.21 6.33
CA GLY B 489 -8.98 -14.60 6.51
C GLY B 489 -8.51 -15.24 5.24
N ILE B 490 -9.19 -14.97 4.12
CA ILE B 490 -8.78 -15.53 2.84
C ILE B 490 -7.45 -14.93 2.41
N GLY B 491 -7.23 -13.64 2.68
CA GLY B 491 -5.95 -13.03 2.34
C GLY B 491 -4.79 -13.60 3.14
N ILE B 492 -5.00 -13.81 4.44
CA ILE B 492 -3.95 -14.39 5.26
C ILE B 492 -3.68 -15.83 4.85
N GLY B 493 -4.75 -16.59 4.56
CA GLY B 493 -4.56 -17.97 4.15
C GLY B 493 -3.76 -18.10 2.86
N MET B 494 -3.95 -17.17 1.94
CA MET B 494 -3.22 -17.22 0.67
C MET B 494 -1.73 -16.97 0.85
N ALA B 495 -1.36 -16.10 1.79
CA ALA B 495 0.03 -15.67 1.91
C ALA B 495 0.87 -16.58 2.81
N VAL B 496 0.26 -17.28 3.76
CA VAL B 496 1.04 -18.07 4.71
C VAL B 496 1.65 -19.29 4.02
N VAL B 497 0.89 -19.94 3.13
CA VAL B 497 1.38 -21.19 2.53
C VAL B 497 2.62 -20.97 1.67
N PRO B 498 2.67 -19.98 0.77
CA PRO B 498 3.92 -19.76 0.04
C PRO B 498 5.10 -19.41 0.93
N LEU B 499 4.87 -18.65 2.00
CA LEU B 499 5.98 -18.24 2.87
C LEU B 499 6.55 -19.42 3.63
N THR B 500 5.70 -20.33 4.09
CA THR B 500 6.20 -21.50 4.81
C THR B 500 7.03 -22.40 3.90
N LEU B 501 6.59 -22.59 2.66
CA LEU B 501 7.31 -23.45 1.75
C LEU B 501 8.68 -22.87 1.40
N SER B 502 8.77 -21.56 1.21
CA SER B 502 10.05 -20.94 0.89
C SER B 502 10.98 -20.88 2.09
N ALA B 503 10.45 -21.01 3.31
CA ALA B 503 11.29 -21.01 4.50
C ALA B 503 12.02 -22.32 4.71
N ILE B 504 11.54 -23.42 4.12
CA ILE B 504 12.14 -24.73 4.29
C ILE B 504 12.64 -25.25 2.94
N ALA B 505 13.06 -24.34 2.06
CA ALA B 505 13.43 -24.68 0.69
C ALA B 505 14.94 -24.82 0.57
N GLY B 506 15.40 -25.86 -0.12
CA GLY B 506 16.80 -26.03 -0.44
C GLY B 506 17.71 -26.17 0.76
N VAL B 507 17.34 -27.03 1.70
CA VAL B 507 18.04 -27.18 2.98
C VAL B 507 18.69 -28.55 3.10
N GLY B 508 17.89 -29.61 3.07
CA GLY B 508 18.37 -30.96 3.24
C GLY B 508 17.82 -31.62 4.50
N PHE B 509 18.57 -32.61 4.98
CA PHE B 509 18.20 -33.36 6.18
C PHE B 509 19.17 -33.16 7.34
N ASP B 510 20.41 -32.74 7.08
CA ASP B 510 21.39 -32.49 8.12
C ASP B 510 21.37 -31.06 8.63
N GLN B 511 20.51 -30.20 8.08
CA GLN B 511 20.40 -28.82 8.55
C GLN B 511 18.95 -28.35 8.66
N ILE B 512 17.97 -29.24 8.49
CA ILE B 512 16.58 -28.82 8.58
C ILE B 512 16.19 -28.53 10.03
N GLY B 513 16.81 -29.23 10.98
CA GLY B 513 16.53 -29.01 12.39
C GLY B 513 16.71 -27.58 12.81
N PRO B 514 17.95 -27.07 12.77
CA PRO B 514 18.18 -25.68 13.19
C PRO B 514 17.44 -24.65 12.35
N VAL B 515 17.27 -24.89 11.05
CA VAL B 515 16.59 -23.91 10.20
C VAL B 515 15.12 -23.81 10.57
N SER B 516 14.49 -24.94 10.90
CA SER B 516 13.10 -24.90 11.34
C SER B 516 12.97 -24.21 12.69
N ALA B 517 13.93 -24.43 13.59
CA ALA B 517 13.90 -23.78 14.89
C ALA B 517 14.04 -22.26 14.75
N ILE B 518 14.90 -21.80 13.84
CA ILE B 518 15.07 -20.37 13.63
C ILE B 518 13.80 -19.74 13.11
N ALA B 519 13.07 -20.48 12.27
CA ALA B 519 11.83 -19.94 11.69
C ALA B 519 10.78 -19.66 12.76
N LEU B 520 10.62 -20.58 13.72
CA LEU B 520 9.61 -20.38 14.76
C LEU B 520 10.02 -19.31 15.76
N MET B 521 11.31 -19.19 16.07
CA MET B 521 11.75 -18.17 17.02
C MET B 521 11.54 -16.77 16.47
N LEU B 522 11.86 -16.56 15.19
CA LEU B 522 11.65 -15.25 14.58
C LEU B 522 10.16 -14.91 14.51
N GLN B 523 9.33 -15.91 14.18
CA GLN B 523 7.89 -15.67 14.12
C GLN B 523 7.35 -15.25 15.48
N SER B 524 7.79 -15.93 16.54
CA SER B 524 7.32 -15.60 17.89
C SER B 524 7.98 -14.34 18.43
N LEU B 525 9.24 -14.10 18.11
CA LEU B 525 9.93 -12.94 18.65
C LEU B 525 9.36 -11.64 18.08
N GLY B 526 8.91 -11.67 16.83
CA GLY B 526 8.35 -10.47 16.23
C GLY B 526 6.98 -10.09 16.78
N GLY B 527 6.31 -11.02 17.46
CA GLY B 527 5.01 -10.74 18.03
C GLY B 527 5.06 -9.64 19.07
N PRO B 528 5.75 -9.89 20.19
CA PRO B 528 5.78 -8.89 21.26
C PRO B 528 6.35 -7.54 20.84
N LEU B 529 7.35 -7.51 19.95
CA LEU B 529 7.98 -6.25 19.60
C LEU B 529 7.02 -5.33 18.88
N VAL B 530 6.36 -5.84 17.83
CA VAL B 530 5.44 -4.99 17.07
C VAL B 530 4.25 -4.60 17.94
N LEU B 531 3.74 -5.55 18.74
CA LEU B 531 2.58 -5.24 19.59
C LEU B 531 2.94 -4.20 20.64
N ALA B 532 4.17 -4.22 21.15
CA ALA B 532 4.59 -3.22 22.12
C ALA B 532 4.52 -1.82 21.52
N VAL B 533 4.96 -1.68 20.26
CA VAL B 533 4.87 -0.37 19.60
C VAL B 533 3.41 0.02 19.39
N ILE B 534 2.58 -0.91 18.94
CA ILE B 534 1.18 -0.59 18.65
C ILE B 534 0.45 -0.16 19.91
N GLN B 535 0.63 -0.91 21.00
CA GLN B 535 -0.09 -0.60 22.23
C GLN B 535 0.31 0.76 22.79
N ALA B 536 1.55 1.17 22.59
CA ALA B 536 1.96 2.51 22.99
C ALA B 536 1.21 3.58 22.20
N VAL B 537 1.03 3.35 20.89
CA VAL B 537 0.32 4.30 20.06
C VAL B 537 -1.14 4.42 20.50
N ILE B 538 -1.79 3.28 20.78
CA ILE B 538 -3.19 3.31 21.20
C ILE B 538 -3.34 4.05 22.52
N THR B 539 -2.42 3.80 23.46
CA THR B 539 -2.50 4.48 24.76
C THR B 539 -2.33 5.98 24.60
N SER B 540 -1.37 6.41 23.78
CA SER B 540 -1.08 7.84 23.65
C SER B 540 -2.28 8.59 23.09
N ARG B 541 -2.94 8.05 22.06
CA ARG B 541 -4.04 8.76 21.44
C ARG B 541 -5.31 8.71 22.29
N THR B 542 -5.46 7.71 23.15
CA THR B 542 -6.59 7.69 24.07
C THR B 542 -6.54 8.88 25.01
N LEU B 543 -5.35 9.25 25.48
CA LEU B 543 -5.20 10.44 26.29
C LEU B 543 -5.39 11.70 25.45
N TYR B 544 -4.94 11.67 24.18
CA TYR B 544 -5.06 12.84 23.33
C TYR B 544 -6.52 13.21 23.09
N LEU B 545 -7.36 12.23 22.81
CA LEU B 545 -8.78 12.47 22.63
C LEU B 545 -9.51 12.71 23.95
N GLY B 546 -8.87 12.44 25.08
CA GLY B 546 -9.49 12.58 26.38
C GLY B 546 -9.92 11.23 26.92
N GLY B 547 -9.11 10.66 27.81
CA GLY B 547 -9.41 9.34 28.34
C GLY B 547 -8.51 9.04 29.51
N THR B 548 -8.75 7.87 30.11
CA THR B 548 -8.04 7.43 31.30
C THR B 548 -7.35 6.10 31.06
N THR B 549 -6.26 5.88 31.81
CA THR B 549 -5.56 4.61 31.82
C THR B 549 -6.03 3.81 33.02
N GLY B 550 -6.47 2.59 32.78
CA GLY B 550 -6.98 1.74 33.84
C GLY B 550 -8.07 0.81 33.37
N PRO B 551 -8.75 0.14 34.29
CA PRO B 551 -9.82 -0.78 33.90
C PRO B 551 -10.93 -0.07 33.12
N VAL B 552 -11.48 -0.79 32.14
CA VAL B 552 -12.50 -0.22 31.26
C VAL B 552 -13.86 -0.11 31.93
N LYS B 553 -14.06 -0.77 33.08
CA LYS B 553 -15.36 -0.77 33.73
C LYS B 553 -15.69 0.53 34.45
N PHE B 554 -14.71 1.43 34.63
CA PHE B 554 -14.90 2.68 35.36
C PHE B 554 -14.86 3.91 34.45
N MET B 555 -15.17 3.74 33.17
CA MET B 555 -15.12 4.82 32.20
C MET B 555 -16.50 5.46 32.06
N ASN B 556 -16.51 6.71 31.61
CA ASN B 556 -17.68 7.59 31.73
C ASN B 556 -18.65 7.48 30.56
N ASP B 557 -18.36 6.67 29.54
CA ASP B 557 -19.04 6.55 28.26
C ASP B 557 -18.63 7.68 27.31
N VAL B 558 -17.98 8.73 27.80
CA VAL B 558 -17.34 9.74 26.95
C VAL B 558 -15.87 9.35 26.88
N GLN B 559 -15.37 8.79 27.98
CA GLN B 559 -14.02 8.23 28.01
C GLN B 559 -13.94 6.88 27.30
N LEU B 560 -15.07 6.19 27.15
CA LEU B 560 -15.08 4.94 26.39
C LEU B 560 -15.04 5.19 24.89
N ALA B 561 -15.64 6.30 24.43
CA ALA B 561 -15.61 6.62 23.01
C ALA B 561 -14.20 6.91 22.54
N ALA B 562 -13.41 7.60 23.36
CA ALA B 562 -12.03 7.88 22.99
C ALA B 562 -11.22 6.60 22.83
N LEU B 563 -11.45 5.63 23.70
CA LEU B 563 -10.77 4.35 23.57
C LEU B 563 -11.14 3.65 22.28
N ASP B 564 -12.42 3.72 21.89
CA ASP B 564 -12.86 3.13 20.62
C ASP B 564 -12.11 3.75 19.44
N HIS B 565 -12.07 5.07 19.37
CA HIS B 565 -11.40 5.72 18.25
C HIS B 565 -9.90 5.47 18.28
N ALA B 566 -9.32 5.26 19.46
CA ALA B 566 -7.90 4.97 19.55
C ALA B 566 -7.57 3.63 18.89
N TYR B 567 -8.41 2.62 19.10
CA TYR B 567 -8.12 1.31 18.54
C TYR B 567 -8.15 1.33 17.02
N THR B 568 -9.14 2.01 16.43
CA THR B 568 -9.20 2.08 14.96
C THR B 568 -8.03 2.88 14.40
N TYR B 569 -7.56 3.90 15.12
CA TYR B 569 -6.37 4.61 14.68
C TYR B 569 -5.15 3.69 14.67
N GLY B 570 -5.01 2.86 15.71
CA GLY B 570 -3.92 1.91 15.75
C GLY B 570 -3.99 0.84 14.68
N LEU B 571 -5.17 0.64 14.09
CA LEU B 571 -5.29 -0.29 12.97
C LEU B 571 -4.60 0.25 11.72
N LEU B 572 -4.55 1.57 11.56
CA LEU B 572 -3.79 2.15 10.46
C LEU B 572 -2.31 1.87 10.62
N TRP B 573 -1.81 1.89 11.87
CA TRP B 573 -0.41 1.57 12.10
C TRP B 573 -0.10 0.12 11.73
N VAL B 574 -1.03 -0.79 12.00
CA VAL B 574 -0.85 -2.18 11.59
C VAL B 574 -0.82 -2.28 10.07
N ALA B 575 -1.61 -1.45 9.38
CA ALA B 575 -1.59 -1.45 7.93
C ALA B 575 -0.26 -0.97 7.39
N GLY B 576 0.34 0.04 8.03
CA GLY B 576 1.66 0.49 7.60
C GLY B 576 2.72 -0.58 7.75
N ALA B 577 2.65 -1.35 8.85
CA ALA B 577 3.60 -2.43 9.04
C ALA B 577 3.43 -3.52 7.99
N ALA B 578 2.18 -3.81 7.60
CA ALA B 578 1.94 -4.80 6.57
C ALA B 578 2.50 -4.37 5.22
N ILE B 579 2.43 -3.07 4.91
CA ILE B 579 2.97 -2.57 3.65
C ILE B 579 4.47 -2.82 3.57
N ILE B 580 5.17 -2.65 4.70
CA ILE B 580 6.62 -2.86 4.71
C ILE B 580 6.95 -4.32 4.46
N VAL B 581 6.12 -5.23 4.96
CA VAL B 581 6.33 -6.65 4.69
C VAL B 581 6.21 -6.93 3.20
N GLY B 582 5.31 -6.23 2.51
CA GLY B 582 5.11 -6.46 1.09
C GLY B 582 6.29 -6.05 0.24
N GLY B 583 6.82 -4.84 0.46
CA GLY B 583 7.95 -4.40 -0.31
C GLY B 583 9.17 -5.26 -0.07
N MET B 584 9.32 -5.76 1.16
CA MET B 584 10.37 -6.71 1.48
C MET B 584 10.08 -8.09 0.90
N ALA B 585 8.83 -8.40 0.59
CA ALA B 585 8.47 -9.65 -0.07
C ALA B 585 8.64 -9.60 -1.58
N LEU B 586 8.82 -8.42 -2.16
CA LEU B 586 9.12 -8.31 -3.59
C LEU B 586 10.52 -8.79 -3.93
N PHE B 587 11.39 -8.99 -2.94
CA PHE B 587 12.76 -9.39 -3.13
C PHE B 587 12.98 -10.89 -2.93
N ILE B 588 11.90 -11.67 -2.81
CA ILE B 588 12.03 -13.10 -2.53
C ILE B 588 12.67 -13.81 -3.72
N GLY B 589 12.01 -13.79 -4.87
CA GLY B 589 12.61 -14.28 -6.09
C GLY B 589 12.72 -15.78 -6.22
N TYR B 590 11.99 -16.54 -5.39
CA TYR B 590 11.93 -17.98 -5.56
C TYR B 590 10.98 -18.34 -6.71
N THR B 591 11.35 -19.35 -7.48
CA THR B 591 10.47 -19.86 -8.53
C THR B 591 9.58 -20.97 -7.98
N PRO B 592 8.45 -21.25 -8.62
CA PRO B 592 7.61 -22.37 -8.15
C PRO B 592 8.25 -23.74 -8.32
N GLN B 593 9.36 -23.84 -9.05
CA GLN B 593 10.08 -25.10 -9.17
C GLN B 593 10.86 -25.43 -7.89
N GLN B 594 11.35 -24.41 -7.19
CA GLN B 594 12.19 -24.65 -6.03
C GLN B 594 11.38 -24.90 -4.77
N VAL B 595 10.44 -24.01 -4.45
CA VAL B 595 9.65 -24.18 -3.23
C VAL B 595 8.69 -25.35 -3.36
N ALA B 596 8.10 -25.53 -4.54
CA ALA B 596 7.12 -26.59 -4.77
C ALA B 596 7.43 -27.23 -6.12
N HIS B 597 6.52 -28.06 -6.60
CA HIS B 597 6.59 -28.63 -7.95
C HIS B 597 7.89 -29.42 -8.14
N ALA B 598 8.02 -30.47 -7.34
CA ALA B 598 9.18 -31.35 -7.43
C ALA B 598 8.75 -32.81 -7.50
C7 A1H2V C . -8.70 15.25 -15.01
C8 A1H2V C . -7.68 14.17 -14.53
C9 A1H2V C . -7.70 12.76 -15.21
C1 A1H2V C . -6.95 19.64 -9.75
C5 A1H2V C . -8.49 17.56 -13.94
C6 A1H2V C . -9.06 16.34 -14.02
C4 A1H2V C . -8.84 18.67 -12.95
C3 A1H2V C . -7.65 19.43 -12.32
C2 A1H2V C . -7.87 20.12 -10.92
C10 A1H2V C . -7.80 12.77 -16.77
C11 A1H2V C . -7.25 11.53 -17.52
C12 A1H2V C . -6.31 11.83 -18.70
C13 A1H2V C . -5.58 10.60 -19.26
C14 A1H2V C . -6.24 9.94 -20.47
C17 A1H2V C . -5.51 7.82 -21.19
C18 A1H2V C . -4.10 7.13 -21.53
C19 A1H2V C . -3.74 7.34 -23.05
C25 A1H2V C . 0.51 8.83 -24.30
C26 A1H2V C . 1.52 8.97 -25.52
C27 A1H2V C . 2.97 8.57 -25.13
C31 A1H2V C . -4.93 5.14 -20.31
C33 A1H2V C . -4.49 5.01 -18.82
C34 A1H2V C . -5.00 3.74 -18.08
C35 A1H2V C . -4.67 3.61 -16.54
C36 A1H2V C . -5.21 2.31 -15.86
C37 A1H2V C . -4.41 1.68 -14.67
C38 A1H2V C . -3.16 0.88 -15.07
C39 A1H2V C . -3.32 -0.62 -15.39
C40 A1H2V C . -2.02 -1.36 -15.80
C41 A1H2V C . -2.07 -2.16 -17.12
C42 A1H2V C . -0.69 -2.56 -17.76
C43 A1H2V C . -0.08 -1.55 -18.75
C44 A1H2V C . 1.38 -1.86 -19.26
C45 A1H2V C . 2.54 -1.33 -18.40
O15 A1H2V C . -7.41 9.99 -20.74
O16 A1H2V C . -5.41 9.21 -21.30
O20 A1H2V C . -2.58 8.08 -23.19
O22 A1H2V C . -1.71 7.36 -25.50
O23 A1H2V C . -3.16 9.52 -25.27
O24 A1H2V C . -0.68 9.49 -24.54
O28 A1H2V C . 3.80 9.59 -25.61
O29 A1H2V C . 1.10 8.06 -26.49
O30 A1H2V C . -4.09 5.69 -21.25
O32 A1H2V C . -6.03 4.78 -20.66
P21 A1H2V C . -2.12 8.59 -24.78
H1 A1H2V C . -9.63 14.73 -15.32
H2 A1H2V C . -8.34 15.71 -15.95
H3 A1H2V C . -6.66 14.58 -14.68
H4 A1H2V C . -7.79 14.04 -13.44
H5 A1H2V C . -6.80 12.19 -14.89
H6 A1H2V C . -8.53 12.17 -14.80
H7 A1H2V C . -6.83 20.46 -9.03
H8 A1H2V C . -5.93 19.47 -10.15
H10 A1H2V C . -7.69 17.82 -14.64
H12 A1H2V C . -9.85 16.07 -13.33
H14 A1H2V C . -9.45 18.24 -12.14
H15 A1H2V C . -9.48 19.39 -13.45
H16 A1H2V C . -7.32 20.18 -13.04
H17 A1H2V C . -6.79 18.74 -12.25
H18 A1H2V C . -8.93 20.03 -10.62
H19 A1H2V C . -7.70 21.21 -11.04
H20 A1H2V C . -8.84 12.94 -17.08
H21 A1H2V C . -7.26 13.66 -17.15
H22 A1H2V C . -8.08 10.92 -17.91
H23 A1H2V C . -6.71 10.86 -16.83
H24 A1H2V C . -6.85 12.36 -19.52
H25 A1H2V C . -5.55 12.57 -18.37
H26 A1H2V C . -5.39 9.84 -18.48
H27 A1H2V C . -4.55 10.88 -19.56
H28 A1H2V C . -6.29 7.43 -21.89
H29 A1H2V C . -5.94 7.56 -20.20
H30 A1H2V C . -3.32 7.67 -20.95
H31 A1H2V C . -4.55 7.89 -23.59
H32 A1H2V C . -3.62 6.38 -23.58
H33 A1H2V C . 0.97 9.26 -23.39
H34 A1H2V C . 0.31 7.76 -24.07
H35 A1H2V C . 1.55 10.02 -25.88
H36 A1H2V C . 3.26 7.59 -25.55
H37 A1H2V C . 3.07 8.46 -24.04
H38 A1H2V C . -3.41 5.14 -18.70
H39 A1H2V C . -4.92 5.89 -18.30
H40 A1H2V C . -6.09 3.64 -18.21
H41 A1H2V C . -4.59 2.87 -18.60
H42 A1H2V C . -5.01 4.48 -15.96
H43 A1H2V C . -3.56 3.65 -16.39
H44 A1H2V C . -6.26 2.45 -15.57
H45 A1H2V C . -5.31 1.52 -16.66
H46 A1H2V C . -4.14 2.47 -13.95
H47 A1H2V C . -5.08 1.05 -14.08
H48 A1H2V C . -2.70 1.38 -15.93
H49 A1H2V C . -2.40 0.97 -14.26
H50 A1H2V C . -3.81 -1.17 -14.56
H51 A1H2V C . -4.06 -0.75 -16.21
H52 A1H2V C . -1.71 -2.02 -14.95
H53 A1H2V C . -1.19 -0.62 -15.84
H54 A1H2V C . -2.69 -3.06 -16.96
H55 A1H2V C . -2.64 -1.56 -17.85
H56 A1H2V C . -0.78 -3.52 -18.27
H57 A1H2V C . 0.06 -2.75 -16.96
H58 A1H2V C . -0.75 -1.41 -19.62
H59 A1H2V C . -0.09 -0.56 -18.28
H60 A1H2V C . 1.53 -2.93 -19.39
H61 A1H2V C . 1.47 -1.50 -20.30
H62 A1H2V C . 2.17 -1.09 -17.39
H63 A1H2V C . 3.30 -2.12 -18.29
C15 A1H2V C . 3.24 -0.04 -18.93
C16 A1H2V C . 4.27 0.56 -17.96
H66 A1H2V C . 3.81 9.50 -26.56
H67 A1H2V C . 1.25 7.18 -26.14
H64 A1H2V C . 2.50 0.73 -19.19
H68 A1H2V C . 3.77 -0.29 -19.87
C20 A1H2V C . -7.42 18.36 -8.99
H69 A1H2V C . 3.90 1.45 -17.42
C21 A1H2V C . -7.39 17.04 -9.82
H70 A1H2V C . 5.22 0.87 -18.44
C22 A1H2V C . -7.15 15.73 -9.03
H71 A1H2V C . 4.58 -0.12 -17.16
C23 A1H2V C . -6.01 14.87 -9.57
H9 A1H2V C . -6.75 18.25 -8.13
H72 A1H2V C . -8.44 18.52 -8.58
H73 A1H2V C . -6.60 17.12 -10.58
H74 A1H2V C . -8.32 16.97 -10.42
H75 A1H2V C . -6.95 15.93 -7.97
H76 A1H2V C . -8.07 15.10 -9.01
H77 A1H2V C . -5.68 14.09 -8.89
H78 A1H2V C . -5.10 15.46 -9.75
H79 A1H2V C . -6.22 14.39 -10.53
C7 A1H2V D . 1.48 14.75 5.52
C8 A1H2V D . 2.83 14.09 5.74
C9 A1H2V D . 2.83 12.57 5.80
C1 A1H2V D . -1.00 19.16 10.83
C5 A1H2V D . 1.09 16.09 7.63
C6 A1H2V D . 1.16 15.98 6.31
C4 A1H2V D . 0.77 17.33 8.40
C3 A1H2V D . 0.48 17.19 9.90
C2 A1H2V D . -0.91 17.67 10.40
C10 A1H2V D . 2.34 11.89 4.52
C11 A1H2V D . 3.15 10.72 4.02
C12 A1H2V D . 2.50 9.39 4.21
C13 A1H2V D . 3.39 8.29 4.70
C14 A1H2V D . 3.97 7.49 3.62
C17 A1H2V D . 2.46 5.76 3.14
C18 A1H2V D . 1.57 5.15 4.26
C19 A1H2V D . 2.42 4.45 5.40
C25 A1H2V D . 6.78 4.37 5.28
C26 A1H2V D . 7.81 3.44 5.96
C27 A1H2V D . 9.20 3.50 5.26
C31 A1H2V D . -0.59 4.13 4.03
C33 A1H2V D . -1.61 4.78 3.12
C34 A1H2V D . -2.77 3.91 2.68
C35 A1H2V D . -3.44 4.28 1.40
C36 A1H2V D . -2.79 3.74 0.14
C37 A1H2V D . -3.69 2.86 -0.74
C38 A1H2V D . -4.69 3.64 -1.57
C39 A1H2V D . -4.12 4.46 -2.71
C40 A1H2V D . -4.04 5.94 -2.44
C41 A1H2V D . -4.84 6.84 -3.33
C42 A1H2V D . -4.19 7.31 -4.61
C43 A1H2V D . -5.18 7.79 -5.67
C44 A1H2V D . -4.60 8.46 -6.91
C45 A1H2V D . -5.37 9.70 -7.40
O15 A1H2V D . 4.64 7.92 2.73
O16 A1H2V D . 3.70 6.17 3.63
O20 A1H2V D . 2.93 3.22 5.01
O22 A1H2V D . 4.98 1.64 4.94
O23 A1H2V D . 4.74 3.56 3.20
O24 A1H2V D . 5.50 4.03 5.61
O28 A1H2V D . 10.15 3.08 6.19
O29 A1H2V D . 7.97 3.94 7.23
O30 A1H2V D . 0.71 4.16 3.71
O32 A1H2V D . -0.95 3.56 5.05
P21 A1H2V D . 4.62 3.03 4.57
H1 A1H2V D . 0.69 13.99 5.75
H2 A1H2V D . 1.33 14.95 4.45
H3 A1H2V D . 3.49 14.39 4.93
H4 A1H2V D . 3.27 14.47 6.67
H5 A1H2V D . 3.84 12.22 6.04
H6 A1H2V D . 2.21 12.22 6.64
H7 A1H2V D . -1.89 19.62 10.37
H8 A1H2V D . -0.15 19.70 10.39
H10 A1H2V D . 1.27 15.20 8.24
H12 A1H2V D . 0.98 16.86 5.69
H14 A1H2V D . -0.12 17.80 7.93
H15 A1H2V D . 1.58 18.06 8.26
H16 A1H2V D . 1.26 17.75 10.46
H17 A1H2V D . 0.61 16.13 10.19
H18 A1H2V D . -1.24 17.03 11.24
H19 A1H2V D . -1.65 17.50 9.61
H20 A1H2V D . 1.30 11.59 4.64
H21 A1H2V D . 2.30 12.65 3.71
H22 A1H2V D . 4.14 10.69 4.49
H23 A1H2V D . 3.36 10.85 2.93
H24 A1H2V D . 1.64 9.48 4.88
H25 A1H2V D . 2.04 9.06 3.26
H26 A1H2V D . 2.89 7.65 5.45
H27 A1H2V D . 4.23 8.72 5.29
H28 A1H2V D . 2.56 5.03 2.33
H29 A1H2V D . 1.95 6.60 2.61
H30 A1H2V D . 1.00 6.00 4.74
H31 A1H2V D . 1.77 4.25 6.28
H32 A1H2V D . 3.20 5.10 5.79
H33 A1H2V D . 6.92 4.30 4.21
H34 A1H2V D . 6.98 5.43 5.54
H35 A1H2V D . 7.46 2.39 5.92
H36 A1H2V D . 9.44 4.53 4.91
H37 A1H2V D . 9.22 2.87 4.36
H38 A1H2V D . -1.99 5.74 3.55
H39 A1H2V D . -1.05 5.10 2.21
H40 A1H2V D . -2.44 2.86 2.62
H41 A1H2V D . -3.52 3.90 3.50
H42 A1H2V D . -3.55 5.37 1.30
H43 A1H2V D . -4.50 3.93 1.42
H44 A1H2V D . -2.33 4.56 -0.45
H45 A1H2V D . -1.90 3.14 0.42
H46 A1H2V D . -3.06 2.24 -1.41
H47 A1H2V D . -4.21 2.12 -0.12
H48 A1H2V D . -5.41 2.93 -1.98
H49 A1H2V D . -5.27 4.31 -0.90
H50 A1H2V D . -3.11 4.09 -3.00
H51 A1H2V D . -4.71 4.30 -3.63
H52 A1H2V D . -2.98 6.24 -2.46
H53 A1H2V D . -4.33 6.12 -1.39
H54 A1H2V D . -5.79 6.34 -3.55
H55 A1H2V D . -5.13 7.73 -2.72
H56 A1H2V D . -3.55 6.52 -5.04
H57 A1H2V D . -3.47 8.15 -4.38
H58 A1H2V D . -5.82 6.95 -5.97
H59 A1H2V D . -5.89 8.48 -5.18
H60 A1H2V D . -3.54 8.75 -6.76
H61 A1H2V D . -4.52 7.71 -7.73
H62 A1H2V D . -6.35 9.72 -6.90
H63 A1H2V D . -4.84 10.61 -7.09
C15 A1H2V D . -5.66 9.78 -8.90
C16 A1H2V D . -5.93 11.21 -9.36
H66 A1H2V D . 9.68 2.48 6.79
H67 A1H2V D . 7.09 4.17 7.54
H64 A1H2V D . -6.52 9.14 -9.18
H68 A1H2V D . -4.79 9.39 -9.47
C20 A1H2V D . -1.05 19.45 12.37
H69 A1H2V D . -6.43 11.83 -8.60
H70 A1H2V D . -6.56 11.27 -10.26
H71 A1H2V D . -5.03 11.76 -9.62
H72 A1H2V D . -0.21 20.11 12.62
C7 A1H2V E . 8.16 21.51 -16.52
C8 A1H2V E . 8.29 22.05 -17.93
C9 A1H2V E . 7.94 21.07 -19.04
C1 A1H2V E . 12.76 24.83 -12.10
C5 A1H2V E . 9.33 22.72 -14.67
C6 A1H2V E . 8.25 22.46 -15.39
C4 A1H2V E . 9.39 23.68 -13.51
C3 A1H2V E . 10.50 24.70 -13.49
C2 A1H2V E . 11.94 24.20 -13.27
C10 A1H2V E . 9.08 20.24 -19.58
C11 A1H2V E . 8.96 19.76 -21.03
C12 A1H2V E . 8.46 18.31 -21.25
C13 A1H2V E . 7.31 17.82 -20.34
C14 A1H2V E . 6.02 18.52 -20.56
C17 A1H2V E . 3.93 18.21 -19.50
C18 A1H2V E . 2.93 19.29 -20.09
C19 A1H2V E . 2.74 19.19 -21.67
C25 A1H2V E . 3.93 15.16 -22.93
C26 A1H2V E . 5.11 14.25 -23.36
C27 A1H2V E . 6.07 13.97 -22.19
C31 A1H2V E . 3.34 21.16 -18.67
C33 A1H2V E . 4.60 21.32 -17.84
C34 A1H2V E . 4.56 22.32 -16.75
C35 A1H2V E . 4.17 23.69 -17.18
C36 A1H2V E . 2.97 24.23 -16.46
C37 A1H2V E . 3.17 24.99 -15.14
C38 A1H2V E . 4.53 24.90 -14.44
C39 A1H2V E . 5.70 25.71 -15.00
C40 A1H2V E . 6.22 26.89 -14.17
C41 A1H2V E . 7.11 26.65 -13.00
C42 A1H2V E . 6.95 27.70 -11.91
C43 A1H2V E . 7.91 27.63 -10.75
C44 A1H2V E . 9.20 28.41 -10.95
C45 A1H2V E . 9.59 29.34 -9.81
O15 A1H2V E . 5.91 19.65 -20.87
O16 A1H2V E . 4.90 17.79 -20.43
O20 A1H2V E . 2.80 17.93 -22.18
O22 A1H2V E . 2.98 18.43 -24.68
O23 A1H2V E . 5.13 17.92 -23.32
O24 A1H2V E . 3.53 16.03 -23.92
O28 A1H2V E . 7.22 14.70 -22.45
O29 A1H2V E . 4.59 13.03 -23.71
O30 A1H2V E . 3.43 20.58 -19.87
O32 A1H2V E . 2.28 21.55 -18.29
P21 A1H2V E . 3.71 17.69 -23.62
H1 A1H2V E . 8.91 20.71 -16.39
H2 A1H2V E . 7.21 20.97 -16.45
H3 A1H2V E . 7.61 22.92 -18.03
H4 A1H2V E . 9.31 22.44 -18.09
H5 A1H2V E . 7.16 20.38 -18.66
H6 A1H2V E . 7.45 21.59 -19.87
H10 A1H2V E . 10.26 22.21 -14.89
H12 A1H2V E . 7.31 22.96 -15.17
H14 A1H2V E . 9.45 23.09 -12.58
H15 A1H2V E . 8.44 24.22 -13.45
H16 A1H2V E . 10.26 25.44 -12.69
H17 A1H2V E . 10.46 25.27 -14.41
H18 A1H2V E . 11.93 23.10 -13.15
H19 A1H2V E . 12.50 24.37 -14.17
H20 A1H2V E . 9.25 19.38 -18.93
H21 A1H2V E . 10.01 20.83 -19.49
H22 A1H2V E . 9.94 19.85 -21.52
H23 A1H2V E . 8.30 20.45 -21.59
H24 A1H2V E . 8.18 18.16 -22.29
H25 A1H2V E . 9.32 17.61 -21.13
H26 A1H2V E . 7.58 17.84 -19.28
H27 A1H2V E . 7.14 16.74 -20.51
H28 A1H2V E . 4.40 18.62 -18.61
H29 A1H2V E . 3.38 17.34 -19.08
H30 A1H2V E . 1.94 19.12 -19.62
H31 A1H2V E . 3.49 19.80 -22.20
H32 A1H2V E . 1.77 19.64 -21.96
H33 A1H2V E . 4.24 15.73 -22.06
H34 A1H2V E . 3.07 14.54 -22.61
H35 A1H2V E . 5.70 14.75 -24.17
H36 A1H2V E . 6.30 12.88 -22.09
H37 A1H2V E . 5.63 14.27 -21.21
H38 A1H2V E . 4.97 20.36 -17.48
H39 A1H2V E . 5.37 21.65 -18.53
H40 A1H2V E . 3.89 21.99 -15.94
H41 A1H2V E . 5.54 22.37 -16.27
H42 A1H2V E . 3.97 23.74 -18.25
H43 A1H2V E . 5.02 24.36 -17.11
H44 A1H2V E . 2.36 24.86 -17.15
H45 A1H2V E . 2.26 23.40 -16.25
H46 A1H2V E . 2.93 26.05 -15.33
H47 A1H2V E . 2.37 24.68 -14.45
H48 A1H2V E . 4.37 25.19 -13.38
H49 A1H2V E . 4.83 23.84 -14.39
H50 A1H2V E . 6.56 25.05 -15.23
H51 A1H2V E . 5.43 26.09 -15.99
H52 A1H2V E . 5.37 27.50 -13.86
H53 A1H2V E . 6.74 27.59 -14.87
H54 A1H2V E . 6.93 25.64 -12.60
H55 A1H2V E . 8.17 26.64 -13.36
H56 A1H2V E . 5.93 27.67 -11.51
H57 A1H2V E . 7.04 28.69 -12.37
H58 A1H2V E . 7.42 27.97 -9.82
H59 A1H2V E . 8.16 26.58 -10.56
H60 A1H2V E . 10.05 27.72 -11.13
H61 A1H2V E . 9.15 28.97 -11.89
H62 A1H2V E . 8.84 30.14 -9.74
H63 A1H2V E . 9.58 28.80 -8.85
C15 A1H2V E . 10.95 30.02 -9.97
H66 A1H2V E . 6.96 15.63 -22.48
H67 A1H2V E . 4.28 12.63 -22.91
H64 A1H2V E . 10.83 31.13 -9.94
H68 A1H2V E . 11.34 29.81 -10.98
C7 A1H2V F . 0.28 -19.99 11.36
C8 A1H2V F . -0.01 -18.47 11.16
C9 A1H2V F . -1.49 -17.96 11.24
C1 A1H2V F . 7.11 -19.61 9.78
C5 A1H2V F . 2.66 -20.92 11.42
C6 A1H2V F . 1.56 -20.54 10.76
C4 A1H2V F . 3.95 -21.47 10.82
C3 A1H2V F . 5.29 -20.85 11.29
C2 A1H2V F . 6.53 -20.96 10.32
C10 A1H2V F . -2.33 -18.46 12.48
C11 A1H2V F . -3.52 -17.57 12.97
C12 A1H2V F . -3.63 -17.38 14.50
C13 A1H2V F . -4.62 -16.28 14.95
C14 A1H2V F . -6.04 -16.75 15.27
C17 A1H2V F . -7.82 -15.26 15.66
C18 A1H2V F . -7.99 -13.89 16.48
C19 A1H2V F . -8.55 -14.21 17.92
C25 A1H2V F . -6.52 -12.33 21.76
C26 A1H2V F . -6.92 -12.06 23.27
C27 A1H2V F . -6.59 -10.61 23.72
C31 A1H2V F . -9.09 -12.94 14.49
C33 A1H2V F . -8.21 -12.07 13.57
C34 A1H2V F . -8.92 -11.49 12.32
C35 A1H2V F . -8.04 -10.75 11.25
C36 A1H2V F . -8.80 -10.26 9.97
C37 A1H2V F . -8.41 -8.88 9.34
C38 A1H2V F . -8.83 -7.64 10.16
C39 A1H2V F . -10.10 -6.88 9.71
C40 A1H2V F . -10.45 -5.62 10.55
C41 A1H2V F . -11.80 -5.65 11.31
C42 A1H2V F . -12.02 -4.53 12.39
C43 A1H2V F . -11.62 -4.90 13.84
C44 A1H2V F . -11.65 -3.74 14.92
C45 A1H2V F . -10.34 -2.95 15.12
O15 A1H2V F . -6.58 -17.69 14.76
O16 A1H2V F . -6.74 -16.01 16.18
O20 A1H2V F . -7.68 -13.76 18.90
O22 A1H2V F . -9.14 -13.27 20.94
O23 A1H2V F . -8.14 -15.66 20.60
O24 A1H2V F . -6.66 -13.67 21.42
O28 A1H2V F . -5.72 -10.70 24.80
O29 A1H2V F . -8.30 -12.18 23.35
O30 A1H2V F . -8.90 -12.96 15.85
O32 A1H2V F . -9.96 -13.65 14.01
P21 A1H2V F . -8.04 -14.18 20.53
H1 A1H2V F . -0.58 -20.56 10.97
H2 A1H2V F . 0.26 -20.22 12.44
H3 A1H2V F . 0.57 -17.91 11.92
H4 A1H2V F . 0.41 -18.16 10.18
H5 A1H2V F . -1.50 -16.85 11.22
H6 A1H2V F . -2.04 -18.23 10.31
H7 A1H2V F . 8.18 -19.74 9.53
H8 A1H2V F . 7.11 -18.88 10.60
H10 A1H2V F . 2.68 -20.83 12.51
H12 A1H2V F . 1.54 -20.62 9.68
H14 A1H2V F . 3.88 -21.38 9.72
H15 A1H2V F . 3.99 -22.56 11.00
H16 A1H2V F . 5.56 -21.30 12.25
H17 A1H2V F . 5.13 -19.78 11.51
H18 A1H2V F . 6.27 -21.62 9.47
H19 A1H2V F . 7.34 -21.49 10.86
H20 A1H2V F . -2.70 -19.49 12.30
H21 A1H2V F . -1.65 -18.59 13.34
H22 A1H2V F . -4.48 -17.97 12.61
H23 A1H2V F . -3.45 -16.57 12.51
H24 A1H2V F . -3.88 -18.33 15.00
H25 A1H2V F . -2.62 -17.14 14.90
H26 A1H2V F . -4.64 -15.43 14.25
H27 A1H2V F . -4.23 -15.79 15.88
H28 A1H2V F . -8.77 -15.84 15.71
H29 A1H2V F . -7.68 -15.14 14.56
H30 A1H2V F . -6.98 -13.46 16.62
H31 A1H2V F . -8.70 -15.30 18.06
H32 A1H2V F . -9.54 -13.74 18.08
H33 A1H2V F . -5.47 -12.02 21.58
H34 A1H2V F . -7.15 -11.71 21.08
H35 A1H2V F . -6.37 -12.74 23.97
H36 A1H2V F . -7.50 -10.03 24.00
H37 A1H2V F . -6.14 -10.04 22.90
H38 A1H2V F . -7.67 -11.28 14.13
H39 A1H2V F . -7.40 -12.73 13.21
H40 A1H2V F . -9.49 -12.28 11.81
H41 A1H2V F . -9.71 -10.79 12.67
H42 A1H2V F . -7.17 -11.37 10.93
H43 A1H2V F . -7.54 -9.87 11.72
H44 A1H2V F . -8.79 -11.04 9.20
H45 A1H2V F . -9.89 -10.23 10.21
H46 A1H2V F . -7.32 -8.86 9.15
H47 A1H2V F . -8.83 -8.83 8.31
H48 A1H2V F . -8.95 -7.96 11.19
H49 A1H2V F . -7.99 -6.94 10.15
H50 A1H2V F . -10.05 -6.60 8.64
H51 A1H2V F . -10.98 -7.56 9.72
H52 A1H2V F . -10.38 -4.74 9.90
H53 A1H2V F . -9.63 -5.46 11.28
H54 A1H2V F . -12.62 -5.62 10.57
H55 A1H2V F . -11.90 -6.64 11.79
H56 A1H2V F . -13.08 -4.21 12.40
H57 A1H2V F . -11.47 -3.62 12.11
H58 A1H2V F . -12.23 -5.75 14.20
H59 A1H2V F . -10.61 -5.32 13.80
H60 A1H2V F . -12.44 -3.03 14.71
H61 A1H2V F . -11.98 -4.17 15.89
H62 A1H2V F . -9.70 -3.07 14.24
H63 A1H2V F . -10.58 -1.87 15.18
C15 A1H2V F . -9.51 -3.34 16.35
C16 A1H2V F . -8.12 -2.68 16.41
H66 A1H2V F . -6.26 -10.90 25.57
H67 A1H2V F . -8.67 -11.41 22.94
H64 A1H2V F . -9.37 -4.43 16.39
H68 A1H2V F . -10.06 -3.06 17.27
C20 A1H2V F . 6.38 -18.98 8.55
H69 A1H2V F . -7.29 -3.32 16.07
C21 A1H2V F . 4.93 -18.46 8.82
H70 A1H2V F . -7.84 -2.31 17.41
C22 A1H2V F . 4.45 -17.29 7.96
H71 A1H2V F . -8.04 -1.79 15.77
C23 A1H2V F . 3.89 -16.12 8.75
H9 A1H2V F . 7.01 -18.14 8.21
H72 A1H2V F . 6.36 -19.72 7.72
H73 A1H2V F . 4.85 -18.17 9.88
H74 A1H2V F . 4.23 -19.30 8.74
H75 A1H2V F . 5.27 -16.91 7.31
H76 A1H2V F . 3.66 -17.62 7.23
H77 A1H2V F . 3.77 -15.19 8.19
H78 A1H2V F . 4.55 -15.81 9.58
H79 A1H2V F . 2.93 -16.31 9.23
C7 A1H2V G . 15.30 -5.94 1.06
C8 A1H2V G . 15.50 -4.54 1.58
C9 A1H2V G . 14.44 -3.54 1.17
C1 A1H2V G . 19.16 -8.12 -4.54
C5 A1H2V G . 17.35 -6.55 -0.30
C6 A1H2V G . 16.53 -6.72 0.72
C4 A1H2V G . 18.59 -7.37 -0.62
C3 A1H2V G . 19.24 -7.23 -2.03
C2 A1H2V G . 18.39 -7.65 -3.26
C10 A1H2V G . 13.04 -3.88 1.63
C11 A1H2V G . 12.14 -2.72 1.94
C12 A1H2V G . 10.87 -2.64 1.13
C13 A1H2V G . 10.34 -1.26 0.88
C14 A1H2V G . 9.61 -0.74 2.05
C17 A1H2V G . 7.32 -1.08 1.41
C18 A1H2V G . 7.05 -0.92 -0.15
C19 A1H2V G . 7.65 0.39 -0.81
C25 A1H2V G . 6.72 4.59 0.46
C26 A1H2V G . 8.07 4.53 1.20
C27 A1H2V G . 8.33 5.78 2.08
C31 A1H2V G . 5.26 -1.69 -1.61
C33 A1H2V G . 4.83 -3.14 -1.54
C34 A1H2V G . 3.58 -3.50 -2.31
C35 A1H2V G . 2.78 -4.61 -1.72
C36 A1H2V G . 1.84 -4.17 -0.64
C37 A1H2V G . 0.43 -4.71 -0.74
C38 A1H2V G . 0.28 -6.14 -0.29
C39 A1H2V G . 0.62 -6.42 1.16
C40 A1H2V G . 1.89 -7.21 1.36
C41 A1H2V G . 1.72 -8.64 1.77
C42 A1H2V G . 1.51 -8.87 3.26
C43 A1H2V G . 1.36 -10.32 3.67
C44 A1H2V G . 1.14 -10.58 5.16
C45 A1H2V G . 1.52 -12.00 5.62
O15 A1H2V G . 10.06 -0.74 3.16
O16 A1H2V G . 8.35 -0.23 1.87
O20 A1H2V G . 6.66 1.14 -1.33
O22 A1H2V G . 4.53 2.30 -0.94
O23 A1H2V G . 6.03 1.71 1.09
O24 A1H2V G . 6.69 3.66 -0.54
O28 A1H2V G . 9.68 6.09 1.94
O29 A1H2V G . 8.01 3.45 2.07
O30 A1H2V G . 5.65 -1.03 -0.47
O32 A1H2V G . 5.27 -1.10 -2.67
P21 A1H2V G . 5.86 2.19 -0.30
H1 A1H2V G . 14.65 -5.89 0.16
H2 A1H2V G . 14.68 -6.51 1.78
H3 A1H2V G . 15.51 -4.57 2.68
H4 A1H2V G . 16.48 -4.16 1.26
H5 A1H2V G . 14.72 -2.55 1.54
H6 A1H2V G . 14.44 -3.42 0.08
H7 A1H2V G . 18.68 -9.04 -4.93
H8 A1H2V G . 20.17 -8.43 -4.26
H10 A1H2V G . 17.14 -5.75 -1.01
H12 A1H2V G . 16.73 -7.54 1.44
H14 A1H2V G . 18.34 -8.44 -0.47
H15 A1H2V G . 19.37 -7.17 0.14
H16 A1H2V G . 20.18 -7.83 -2.03
H17 A1H2V G . 19.57 -6.19 -2.17
H18 A1H2V G . 17.72 -6.80 -3.53
H19 A1H2V G . 17.70 -8.46 -2.95
H20 A1H2V G . 12.55 -4.55 0.90
H21 A1H2V G . 13.10 -4.52 2.55
H22 A1H2V G . 12.68 -1.78 1.79
H23 A1H2V G . 11.86 -2.73 3.00
H24 A1H2V G . 11.01 -3.15 0.16
H25 A1H2V G . 10.09 -3.22 1.64
H26 A1H2V G . 9.77 -1.21 -0.04
H27 A1H2V G . 11.19 -0.57 0.68
H28 A1H2V G . 6.37 -0.89 1.95
H29 A1H2V G . 7.52 -2.14 1.70
H30 A1H2V G . 7.61 -1.71 -0.65
H31 A1H2V G . 8.34 0.13 -1.63
H32 A1H2V G . 8.24 1.01 -0.14
H33 A1H2V G . 6.60 5.59 0.03
H34 A1H2V G . 5.87 4.46 1.15
H35 A1H2V G . 8.90 4.46 0.46
H36 A1H2V G . 8.09 5.60 3.15
H37 A1H2V G . 7.67 6.63 1.77
H38 A1H2V G . 5.66 -3.81 -1.81
H39 A1H2V G . 4.64 -3.35 -0.47
H40 A1H2V G . 2.95 -2.62 -2.47
H41 A1H2V G . 3.90 -3.80 -3.34
H42 A1H2V G . 3.41 -5.41 -1.33
H43 A1H2V G . 2.19 -5.13 -2.51
H44 A1H2V G . 2.28 -4.36 0.36
H45 A1H2V G . 1.78 -3.06 -0.64
H46 A1H2V G . -0.26 -4.07 -0.15
H47 A1H2V G . 0.05 -4.59 -1.78
H48 A1H2V G . -0.76 -6.44 -0.48
H49 A1H2V G . 0.90 -6.78 -0.94
H50 A1H2V G . 0.68 -5.49 1.76
H51 A1H2V G . -0.22 -6.96 1.64
H52 A1H2V G . 2.51 -6.68 2.09
H53 A1H2V G . 2.48 -7.16 0.42
H54 A1H2V G . 0.90 -9.07 1.20
H55 A1H2V G . 2.62 -9.20 1.43
H56 A1H2V G . 0.62 -8.32 3.61
H57 A1H2V G . 2.35 -8.42 3.83
H58 A1H2V G . 0.55 -10.81 3.09
H59 A1H2V G . 2.26 -10.88 3.34
H60 A1H2V G . 1.71 -9.87 5.79
H61 A1H2V G . 0.09 -10.35 5.42
H62 A1H2V G . 1.68 -12.63 4.73
H63 A1H2V G . 2.47 -11.98 6.18
C15 A1H2V G . 0.49 -12.76 6.48
C16 A1H2V G . 1.12 -13.61 7.56
H66 A1H2V G . 10.17 5.28 2.12
H67 A1H2V G . 8.15 2.67 1.55
H64 A1H2V G . -0.15 -13.40 5.85
H68 A1H2V G . -0.20 -12.03 6.96
C20 A1H2V G . 19.26 -7.09 -5.71
H69 A1H2V G . 1.67 -14.48 7.17
H70 A1H2V G . 0.40 -14.00 8.29
H71 A1H2V G . 1.86 -13.06 8.16
H72 A1H2V G . 18.34 -7.14 -6.32
C7 A1H2V H . 11.69 -11.12 24.84
C8 A1H2V H . 10.66 -12.24 24.89
C9 A1H2V H . 9.22 -11.88 24.59
C1 A1H2V H . 16.57 -8.08 19.80
C5 A1H2V H . 13.64 -10.29 23.48
C6 A1H2V H . 12.84 -11.28 23.90
C4 A1H2V H . 14.79 -10.40 22.54
C3 A1H2V H . 14.98 -9.23 21.56
C2 A1H2V H . 16.42 -8.89 21.14
C10 A1H2V H . 8.49 -10.98 25.66
C11 A1H2V H . 8.04 -11.68 26.98
C12 A1H2V H . 6.59 -11.42 27.52
C13 A1H2V H . 5.40 -11.36 26.50
C14 A1H2V H . 5.25 -12.59 25.67
C17 A1H2V H . 3.76 -13.38 23.95
C18 A1H2V H . 3.83 -14.94 23.66
C19 A1H2V H . 2.88 -15.75 24.63
C25 A1H2V H . -1.48 -13.85 24.01
C26 A1H2V H . -2.38 -12.84 24.77
C27 A1H2V H . -2.02 -11.40 24.57
C31 A1H2V H . 6.08 -15.53 22.88
C33 A1H2V H . 7.26 -14.56 22.96
C34 A1H2V H . 8.46 -14.72 22.08
C35 A1H2V H . 9.71 -15.15 22.77
C36 A1H2V H . 10.19 -16.52 22.36
C37 A1H2V H . 11.23 -16.58 21.26
C38 A1H2V H . 12.47 -15.74 21.49
C39 A1H2V H . 13.03 -15.63 22.89
C40 A1H2V H . 14.54 -15.52 22.92
C41 A1H2V H . 15.10 -14.20 22.43
C42 A1H2V H . 16.30 -14.31 21.50
C43 A1H2V H . 17.30 -13.15 21.56
C44 A1H2V H . 18.18 -13.07 22.83
C45 A1H2V H . 19.61 -13.58 22.66
O15 A1H2V H . 6.17 -13.21 25.30
O16 A1H2V H . 3.98 -13.04 25.32
O20 A1H2V H . 1.55 -15.55 24.34
O22 A1H2V H . 0.56 -15.67 26.73
O23 A1H2V H . 0.98 -13.36 25.62
O24 A1H2V H . -1.04 -14.84 24.88
O28 A1H2V H . -1.80 -10.88 25.84
O29 A1H2V H . -3.66 -13.00 24.28
O30 A1H2V H . 5.14 -15.47 23.86
O32 A1H2V H . 5.98 -16.34 22.00
P21 A1H2V H . 0.55 -14.77 25.54
H1 A1H2V H . 12.10 -10.97 25.88
H2 A1H2V H . 11.18 -10.17 24.62
H3 A1H2V H . 10.97 -13.01 24.17
H4 A1H2V H . 10.70 -12.73 25.88
H5 A1H2V H . 9.16 -11.39 23.60
H6 A1H2V H . 8.64 -12.79 24.46
H10 A1H2V H . 13.44 -9.29 23.84
H12 A1H2V H . 13.00 -12.31 23.56
H14 A1H2V H . 15.73 -10.51 23.14
H15 A1H2V H . 14.72 -11.33 21.96
H16 A1H2V H . 14.52 -8.34 22.01
H17 A1H2V H . 14.40 -9.45 20.65
H18 A1H2V H . 17.01 -9.82 21.06
H19 A1H2V H . 16.89 -8.32 21.96
H20 A1H2V H . 7.66 -10.45 25.19
H21 A1H2V H . 9.19 -10.17 25.94
H22 A1H2V H . 8.73 -11.39 27.78
H23 A1H2V H . 8.18 -12.77 26.88
H24 A1H2V H . 6.35 -12.16 28.29
H25 A1H2V H . 6.61 -10.47 28.08
H26 A1H2V H . 5.46 -10.47 25.83
H27 A1H2V H . 4.45 -11.19 27.04
H28 A1H2V H . 4.49 -12.87 23.28
H29 A1H2V H . 2.81 -12.94 23.59
H30 A1H2V H . 3.46 -15.11 22.62
H31 A1H2V H . 3.07 -15.48 25.69
H32 A1H2V H . 3.11 -16.83 24.56
H33 A1H2V H . -0.63 -13.33 23.55
H34 A1H2V H . -2.05 -14.32 23.18
H35 A1H2V H . -2.30 -13.02 25.83
H36 A1H2V H . -2.83 -10.83 24.07
H37 A1H2V H . -1.13 -11.28 23.93
H38 A1H2V H . 6.91 -13.53 22.92
H39 A1H2V H . 7.64 -14.69 23.97
H40 A1H2V H . 8.27 -15.39 21.23
H41 A1H2V H . 8.65 -13.73 21.60
H42 A1H2V H . 9.63 -15.09 23.87
H43 A1H2V H . 10.48 -14.38 22.57
H44 A1H2V H . 10.53 -17.07 23.24
H45 A1H2V H . 9.31 -17.13 22.05
H46 A1H2V H . 11.52 -17.65 21.09
H47 A1H2V H . 10.75 -16.31 20.29
H48 A1H2V H . 13.26 -16.11 20.84
H49 A1H2V H . 12.26 -14.72 21.12
H50 A1H2V H . 12.59 -14.77 23.43
H51 A1H2V H . 12.73 -16.48 23.51
H52 A1H2V H . 14.95 -16.36 22.34
H53 A1H2V H . 14.89 -15.73 23.95
H54 A1H2V H . 14.30 -13.62 21.96
H55 A1H2V H . 15.38 -13.59 23.33
H56 A1H2V H . 15.97 -14.42 20.46
H57 A1H2V H . 16.85 -15.24 21.72
H58 A1H2V H . 17.93 -13.15 20.67
H59 A1H2V H . 16.74 -12.20 21.47
H60 A1H2V H . 18.21 -12.05 23.24
H61 A1H2V H . 17.68 -13.63 23.64
H62 A1H2V H . 19.63 -14.64 22.95
H63 A1H2V H . 19.91 -13.53 21.60
C15 A1H2V H . 20.66 -12.89 23.51
H66 A1H2V H . -1.03 -11.35 26.19
H67 A1H2V H . -3.65 -12.69 23.38
H64 A1H2V H . 21.45 -13.61 23.82
H68 A1H2V H . 20.19 -12.54 24.45
CAA Y01 I . 15.52 -6.15 -7.88
CBA Y01 I . 14.38 -7.10 -7.83
CAB Y01 I . 14.40 -8.09 -8.96
CAN Y01 I . 13.06 -6.44 -7.76
CAJ Y01 I . 12.60 -6.07 -6.40
CAO Y01 I . 11.76 -4.84 -6.41
CBB Y01 I . 12.47 -3.59 -5.86
CAC Y01 I . 13.78 -3.37 -6.58
CBE Y01 I . 11.59 -2.31 -6.03
CAP Y01 I . 10.09 -2.65 -6.17
CAQ Y01 I . 9.37 -1.36 -5.99
CBG Y01 I . 10.46 -0.38 -5.61
CBI Y01 I . 11.49 -1.24 -4.93
CAE Y01 I . 11.07 -1.76 -3.57
CAU Y01 I . 12.70 -0.35 -4.82
CAS Y01 I . 12.42 1.02 -4.17
CBF Y01 I . 11.18 1.77 -4.70
CBD Y01 I . 10.03 0.77 -4.78
CAK Y01 I . 8.90 1.38 -5.50
CAI Y01 I . 8.67 2.72 -5.23
CAZ Y01 I . 9.50 3.54 -4.50
CAV Y01 I . 8.97 4.86 -4.41
CBH Y01 I . 10.72 3.01 -3.90
CAD Y01 I . 10.46 2.77 -2.44
CAT Y01 I . 11.75 4.12 -4.00
CAR Y01 I . 11.21 5.50 -3.66
CBC Y01 I . 10.04 5.83 -4.56
OAW Y01 I . 9.31 6.98 -4.21
CAY Y01 I . 9.32 8.02 -5.06
OAG Y01 I . 9.55 9.08 -4.43
CAM Y01 I . 9.08 7.91 -6.50
CAL Y01 I . 8.11 8.92 -7.10
CAX Y01 I . 8.57 10.42 -6.98
OAH Y01 I . 9.74 10.71 -7.32
OAF Y01 I . 7.73 11.21 -6.56
CAA Y01 J . -5.24 11.76 12.10
CBA Y01 J . -5.83 10.73 11.17
CAB Y01 J . -6.47 9.59 11.93
CAN Y01 J . -4.85 10.18 10.14
CAJ Y01 J . -3.38 10.41 10.41
CAO Y01 J . -2.61 9.14 10.23
CBB Y01 J . -1.20 9.29 10.75
CAC Y01 J . -1.26 9.89 12.13
CBE Y01 J . -0.58 7.89 10.73
CAP Y01 J . -1.36 7.02 9.76
CAQ Y01 J . -0.43 5.89 9.36
CBG Y01 J . 0.73 6.15 10.23
CBI Y01 J . 0.83 7.66 10.20
CAE Y01 J . 1.05 8.20 8.80
CAU Y01 J . 1.95 8.05 11.17
CAS Y01 J . 3.26 7.27 10.95
CBF Y01 J . 3.08 5.75 10.84
CBD Y01 J . 1.99 5.48 9.81
CAK Y01 J . 1.68 4.04 9.77
CAI Y01 J . 2.78 3.19 9.88
CAZ Y01 J . 4.06 3.59 10.21
CAV Y01 J . 5.00 2.50 10.24
CBH Y01 J . 4.35 5.01 10.47
CAD Y01 J . 5.05 5.59 9.28
CAT Y01 J . 5.32 5.04 11.68
CAR Y01 J . 6.41 3.97 11.65
CBC Y01 J . 5.81 2.59 11.47
OAW Y01 J . 6.76 1.59 11.24
CAY Y01 J . 6.72 0.50 12.04
OAG Y01 J . 5.55 0.10 12.22
CAM Y01 J . 7.93 -0.11 12.60
CAL Y01 J . 7.68 -0.81 13.91
CAX Y01 J . 8.64 -2.01 14.07
OAH Y01 J . 9.11 -2.49 13.04
OAF Y01 J . 8.85 -2.39 15.24
#